data_6RUF
#
_entry.id   6RUF
#
_cell.length_a   64.760
_cell.length_b   110.290
_cell.length_c   89.900
_cell.angle_alpha   90.00
_cell.angle_beta   97.72
_cell.angle_gamma   90.00
#
_symmetry.space_group_name_H-M   'P 1 21 1'
#
loop_
_entity.id
_entity.type
_entity.pdbx_description
1 polymer L-asparaginase
2 non-polymer 'GLUTAMIC ACID'
3 water water
#
_entity_poly.entity_id   1
_entity_poly.type   'polypeptide(L)'
_entity_poly.pdbx_seq_one_letter_code
;KPQVTILATGGTIAGSGESSVKSSYSAGAVTVDKLLAAVPAINDLATIKGEQISSIGSQEMTGKVWLKLAKRVNELLAQK
ETEAVIITHGTDTMEETAFFLNLTVKSQKPVVLVGAMRPGSSMSADGPMNLYNAVNVAINKASTNKGVVIVMNDEIHAAR
EATKLNTTAVNAFASPNTGKIGTVYYGKVEYFTQSVRPHTLASEFDISKIEELPRVDILYAHPDDTDVLVNAALQAGAKG
IIHAGMGNGNPFPLTQNALEKAAKSGVVVARSSRVGSGSTTQEAEVDDKKLGFVATESLNPQKARVLLMLALTKTSDREA
IQKIFSTY
;
_entity_poly.pdbx_strand_id   A,B,C,D
#
# COMPACT_ATOMS: atom_id res chain seq x y z
N LYS A 1 -13.25 -30.64 -23.16
CA LYS A 1 -13.24 -29.53 -22.16
C LYS A 1 -12.65 -30.07 -20.86
N PRO A 2 -12.00 -29.23 -20.02
CA PRO A 2 -11.69 -29.62 -18.65
C PRO A 2 -12.96 -29.86 -17.80
N GLN A 3 -12.90 -30.79 -16.85
CA GLN A 3 -13.97 -31.06 -15.85
C GLN A 3 -13.59 -30.35 -14.54
N VAL A 4 -14.46 -29.48 -14.06
CA VAL A 4 -14.26 -28.74 -12.79
C VAL A 4 -15.52 -28.94 -11.95
N THR A 5 -15.34 -29.23 -10.68
CA THR A 5 -16.46 -29.26 -9.71
C THR A 5 -16.44 -27.93 -8.93
N ILE A 6 -17.58 -27.25 -8.89
CA ILE A 6 -17.77 -26.08 -8.00
C ILE A 6 -18.45 -26.59 -6.72
N LEU A 7 -17.80 -26.37 -5.57
CA LEU A 7 -18.36 -26.68 -4.24
C LEU A 7 -18.89 -25.39 -3.59
N ALA A 8 -20.19 -25.35 -3.28
CA ALA A 8 -20.85 -24.21 -2.59
C ALA A 8 -20.87 -24.47 -1.08
N THR A 9 -20.43 -23.48 -0.30
CA THR A 9 -20.42 -23.49 1.20
C THR A 9 -21.50 -22.54 1.76
N GLY A 10 -22.21 -21.86 0.86
CA GLY A 10 -23.22 -20.84 1.19
C GLY A 10 -24.10 -20.58 -0.02
N GLY A 11 -24.63 -19.36 -0.15
CA GLY A 11 -25.57 -18.98 -1.23
C GLY A 11 -24.81 -18.67 -2.51
N THR A 12 -25.51 -18.16 -3.52
CA THR A 12 -24.92 -17.79 -4.82
C THR A 12 -24.05 -16.55 -4.57
N ILE A 13 -22.87 -16.51 -5.16
CA ILE A 13 -22.03 -15.28 -5.09
C ILE A 13 -22.31 -14.42 -6.33
N ALA A 14 -23.17 -14.87 -7.23
CA ALA A 14 -23.45 -14.17 -8.51
C ALA A 14 -24.94 -14.32 -8.90
N GLY A 15 -25.55 -13.25 -9.43
CA GLY A 15 -26.97 -13.14 -9.85
C GLY A 15 -27.87 -12.74 -8.69
N SER A 16 -29.20 -12.76 -8.86
CA SER A 16 -30.22 -12.83 -7.76
C SER A 16 -31.62 -13.14 -8.30
N SER A 26 -28.78 -30.20 -15.15
CA SER A 26 -28.46 -30.12 -13.70
C SER A 26 -26.97 -30.40 -13.51
N ALA A 27 -26.22 -29.43 -12.98
CA ALA A 27 -24.80 -29.57 -12.59
C ALA A 27 -24.68 -30.46 -11.36
N GLY A 28 -25.80 -30.61 -10.62
CA GLY A 28 -25.89 -31.48 -9.42
C GLY A 28 -26.18 -30.70 -8.15
N ALA A 29 -26.35 -29.38 -8.25
CA ALA A 29 -26.67 -28.51 -7.11
C ALA A 29 -27.30 -27.21 -7.60
N VAL A 30 -28.48 -26.88 -7.09
CA VAL A 30 -29.28 -25.71 -7.51
C VAL A 30 -28.43 -24.43 -7.37
N THR A 31 -27.63 -24.29 -6.31
CA THR A 31 -26.76 -23.09 -6.13
C THR A 31 -25.86 -22.97 -7.37
N VAL A 32 -25.24 -24.08 -7.81
CA VAL A 32 -24.28 -24.06 -8.96
C VAL A 32 -25.07 -23.87 -10.26
N ASP A 33 -26.28 -24.44 -10.35
CA ASP A 33 -27.15 -24.24 -11.54
C ASP A 33 -27.41 -22.73 -11.67
N LYS A 34 -27.69 -22.04 -10.55
CA LYS A 34 -27.96 -20.57 -10.56
C LYS A 34 -26.68 -19.86 -11.02
N LEU A 35 -25.52 -20.19 -10.45
CA LEU A 35 -24.20 -19.60 -10.85
C LEU A 35 -24.07 -19.67 -12.37
N LEU A 36 -24.26 -20.85 -12.98
CA LEU A 36 -24.09 -21.07 -14.45
C LEU A 36 -25.06 -20.20 -15.25
N ALA A 37 -26.28 -19.95 -14.77
CA ALA A 37 -27.27 -19.09 -15.46
C ALA A 37 -26.89 -17.62 -15.30
N ALA A 38 -26.27 -17.24 -14.17
CA ALA A 38 -25.85 -15.85 -13.89
C ALA A 38 -24.61 -15.51 -14.73
N VAL A 39 -23.78 -16.52 -15.07
CA VAL A 39 -22.47 -16.34 -15.77
C VAL A 39 -22.31 -17.46 -16.81
N PRO A 40 -23.15 -17.44 -17.87
CA PRO A 40 -23.19 -18.50 -18.88
C PRO A 40 -21.87 -18.58 -19.64
N ALA A 41 -21.06 -17.50 -19.68
CA ALA A 41 -19.67 -17.51 -20.19
C ALA A 41 -18.90 -18.72 -19.66
N ILE A 42 -19.11 -19.18 -18.42
CA ILE A 42 -18.25 -20.26 -17.83
C ILE A 42 -18.57 -21.62 -18.47
N ASN A 43 -19.75 -21.83 -19.07
CA ASN A 43 -20.12 -23.12 -19.74
C ASN A 43 -19.17 -23.46 -20.89
N ASP A 44 -18.64 -22.45 -21.59
CA ASP A 44 -17.72 -22.60 -22.77
C ASP A 44 -16.34 -23.07 -22.31
N LEU A 45 -15.92 -22.71 -21.09
CA LEU A 45 -14.54 -22.92 -20.56
C LEU A 45 -14.35 -24.30 -19.94
N ALA A 46 -15.41 -24.92 -19.41
CA ALA A 46 -15.28 -26.16 -18.63
C ALA A 46 -16.65 -26.86 -18.53
N THR A 47 -16.61 -28.18 -18.45
CA THR A 47 -17.68 -29.07 -17.94
C THR A 47 -17.73 -28.88 -16.40
N ILE A 48 -18.76 -28.18 -15.91
CA ILE A 48 -18.95 -27.83 -14.47
C ILE A 48 -19.90 -28.86 -13.84
N LYS A 49 -19.47 -29.51 -12.77
CA LYS A 49 -20.37 -30.22 -11.83
C LYS A 49 -20.47 -29.39 -10.54
N GLY A 50 -21.57 -29.57 -9.78
CA GLY A 50 -21.83 -28.78 -8.55
C GLY A 50 -22.13 -29.66 -7.36
N GLU A 51 -21.73 -29.23 -6.16
CA GLU A 51 -22.20 -29.82 -4.87
C GLU A 51 -22.42 -28.70 -3.86
N GLN A 52 -23.32 -28.95 -2.89
CA GLN A 52 -23.58 -28.08 -1.74
C GLN A 52 -22.91 -28.78 -0.55
N ILE A 53 -21.78 -28.27 -0.11
CA ILE A 53 -21.00 -28.87 1.03
C ILE A 53 -21.65 -28.44 2.35
N SER A 54 -22.07 -27.17 2.40
CA SER A 54 -22.76 -26.49 3.52
C SER A 54 -23.54 -25.32 2.95
N SER A 55 -24.32 -24.62 3.78
CA SER A 55 -25.19 -23.50 3.39
C SER A 55 -25.16 -22.45 4.50
N ILE A 56 -23.99 -21.85 4.72
CA ILE A 56 -23.72 -20.93 5.88
C ILE A 56 -23.00 -19.66 5.40
N GLY A 57 -23.17 -18.55 6.12
CA GLY A 57 -22.24 -17.41 6.08
C GLY A 57 -20.91 -17.85 6.66
N SER A 58 -19.77 -17.41 6.11
CA SER A 58 -18.44 -17.95 6.46
C SER A 58 -18.12 -17.56 7.89
N GLN A 59 -18.87 -16.63 8.48
CA GLN A 59 -18.67 -16.23 9.90
C GLN A 59 -19.19 -17.34 10.81
N GLU A 60 -19.95 -18.30 10.26
CA GLU A 60 -20.52 -19.45 11.00
C GLU A 60 -19.75 -20.75 10.74
N MET A 61 -18.62 -20.69 10.04
CA MET A 61 -17.76 -21.86 9.75
C MET A 61 -17.30 -22.52 11.07
N THR A 62 -17.16 -23.86 11.05
CA THR A 62 -16.64 -24.71 12.14
C THR A 62 -15.64 -25.72 11.56
N GLY A 63 -14.76 -26.27 12.40
CA GLY A 63 -13.84 -27.35 12.03
C GLY A 63 -14.56 -28.54 11.41
N LYS A 64 -15.79 -28.80 11.82
CA LYS A 64 -16.58 -29.92 11.26
C LYS A 64 -16.77 -29.68 9.75
N VAL A 65 -17.12 -28.46 9.34
CA VAL A 65 -17.28 -28.10 7.89
C VAL A 65 -15.91 -28.18 7.18
N TRP A 66 -14.82 -27.69 7.82
CA TRP A 66 -13.45 -27.71 7.24
C TRP A 66 -13.07 -29.16 6.87
N LEU A 67 -13.33 -30.11 7.79
CA LEU A 67 -12.97 -31.54 7.64
C LEU A 67 -13.84 -32.18 6.55
N LYS A 68 -15.17 -31.97 6.58
CA LYS A 68 -16.08 -32.43 5.51
C LYS A 68 -15.57 -31.89 4.16
N LEU A 69 -15.17 -30.61 4.09
CA LEU A 69 -14.78 -29.93 2.82
C LEU A 69 -13.45 -30.50 2.32
N ALA A 70 -12.41 -30.55 3.17
CA ALA A 70 -11.04 -31.00 2.78
C ALA A 70 -11.08 -32.47 2.34
N LYS A 71 -11.86 -33.31 3.04
CA LYS A 71 -12.03 -34.75 2.69
C LYS A 71 -12.69 -34.89 1.32
N ARG A 72 -13.73 -34.09 1.03
CA ARG A 72 -14.44 -34.15 -0.28
C ARG A 72 -13.53 -33.63 -1.40
N VAL A 73 -12.74 -32.59 -1.13
CA VAL A 73 -11.75 -32.06 -2.13
C VAL A 73 -10.76 -33.18 -2.44
N ASN A 74 -10.27 -33.88 -1.42
CA ASN A 74 -9.32 -35.01 -1.60
C ASN A 74 -10.00 -36.10 -2.45
N GLU A 75 -11.24 -36.49 -2.14
CA GLU A 75 -11.97 -37.48 -2.97
C GLU A 75 -12.00 -36.98 -4.43
N LEU A 76 -12.44 -35.74 -4.67
CA LEU A 76 -12.75 -35.25 -6.04
C LEU A 76 -11.46 -35.21 -6.86
N LEU A 77 -10.36 -34.73 -6.29
CA LEU A 77 -9.07 -34.53 -7.01
C LEU A 77 -8.34 -35.86 -7.22
N ALA A 78 -8.66 -36.90 -6.44
CA ALA A 78 -8.11 -38.25 -6.65
C ALA A 78 -8.75 -38.91 -7.88
N GLN A 79 -9.92 -38.44 -8.33
CA GLN A 79 -10.58 -38.96 -9.57
C GLN A 79 -9.77 -38.49 -10.79
N LYS A 80 -9.59 -39.36 -11.77
CA LYS A 80 -8.78 -39.05 -12.96
C LYS A 80 -9.57 -38.10 -13.87
N GLU A 81 -10.90 -38.10 -13.79
CA GLU A 81 -11.78 -37.25 -14.65
C GLU A 81 -11.76 -35.79 -14.18
N THR A 82 -11.40 -35.52 -12.92
CA THR A 82 -11.56 -34.18 -12.27
C THR A 82 -10.26 -33.38 -12.42
N GLU A 83 -10.29 -32.24 -13.11
CA GLU A 83 -9.07 -31.42 -13.35
C GLU A 83 -8.87 -30.38 -12.24
N ALA A 84 -9.93 -29.80 -11.66
CA ALA A 84 -9.78 -28.72 -10.67
C ALA A 84 -11.02 -28.62 -9.77
N VAL A 85 -10.86 -27.99 -8.60
CA VAL A 85 -12.01 -27.65 -7.71
C VAL A 85 -12.03 -26.13 -7.48
N ILE A 86 -13.22 -25.57 -7.59
CA ILE A 86 -13.53 -24.18 -7.19
C ILE A 86 -14.49 -24.28 -6.03
N ILE A 87 -14.28 -23.46 -5.01
CA ILE A 87 -15.11 -23.39 -3.78
C ILE A 87 -15.62 -21.97 -3.65
N THR A 88 -16.93 -21.76 -3.76
CA THR A 88 -17.55 -20.46 -3.44
C THR A 88 -17.70 -20.40 -1.92
N HIS A 89 -17.38 -19.26 -1.31
CA HIS A 89 -17.19 -19.10 0.15
C HIS A 89 -17.41 -17.63 0.52
N GLY A 90 -18.03 -17.37 1.68
CA GLY A 90 -18.00 -16.06 2.35
C GLY A 90 -16.57 -15.51 2.42
N THR A 91 -16.41 -14.20 2.36
CA THR A 91 -15.08 -13.52 2.30
C THR A 91 -14.49 -13.42 3.71
N ASP A 92 -15.35 -13.35 4.73
CA ASP A 92 -14.97 -13.08 6.14
C ASP A 92 -13.92 -14.10 6.64
N THR A 93 -14.09 -15.40 6.39
CA THR A 93 -13.16 -16.45 6.89
C THR A 93 -12.55 -17.29 5.74
N MET A 94 -12.68 -16.85 4.48
CA MET A 94 -12.06 -17.52 3.29
C MET A 94 -10.56 -17.80 3.50
N GLU A 95 -9.80 -16.87 4.11
CA GLU A 95 -8.32 -17.03 4.32
C GLU A 95 -8.03 -18.23 5.22
N GLU A 96 -8.91 -18.50 6.19
CA GLU A 96 -8.76 -19.61 7.16
C GLU A 96 -8.97 -20.93 6.43
N THR A 97 -10.10 -21.08 5.73
CA THR A 97 -10.47 -22.31 4.98
C THR A 97 -9.39 -22.56 3.91
N ALA A 98 -9.04 -21.52 3.14
CA ALA A 98 -8.00 -21.56 2.09
C ALA A 98 -6.70 -22.14 2.67
N PHE A 99 -6.22 -21.55 3.77
CA PHE A 99 -5.01 -21.97 4.49
C PHE A 99 -5.14 -23.42 4.98
N PHE A 100 -6.28 -23.79 5.59
CA PHE A 100 -6.52 -25.18 6.05
C PHE A 100 -6.33 -26.15 4.88
N LEU A 101 -6.99 -25.86 3.74
CA LEU A 101 -6.90 -26.70 2.50
C LEU A 101 -5.48 -26.70 1.97
N ASN A 102 -4.78 -25.57 2.03
CA ASN A 102 -3.36 -25.47 1.57
C ASN A 102 -2.51 -26.59 2.19
N LEU A 103 -2.79 -26.98 3.43
CA LEU A 103 -1.92 -27.91 4.20
C LEU A 103 -2.55 -29.31 4.24
N THR A 104 -3.79 -29.48 3.76
CA THR A 104 -4.54 -30.76 3.90
C THR A 104 -4.89 -31.36 2.54
N VAL A 105 -4.96 -30.57 1.46
CA VAL A 105 -5.21 -31.11 0.10
C VAL A 105 -3.97 -31.87 -0.44
N LYS A 106 -4.10 -33.15 -0.76
CA LYS A 106 -2.98 -34.02 -1.23
C LYS A 106 -3.01 -34.15 -2.76
N SER A 107 -2.84 -33.05 -3.48
CA SER A 107 -2.86 -33.03 -4.97
C SER A 107 -2.22 -31.73 -5.46
N GLN A 108 -1.71 -31.72 -6.68
CA GLN A 108 -1.11 -30.51 -7.31
C GLN A 108 -2.17 -29.86 -8.20
N LYS A 109 -3.35 -30.46 -8.29
CA LYS A 109 -4.47 -29.96 -9.12
C LYS A 109 -4.95 -28.65 -8.51
N PRO A 110 -5.30 -27.63 -9.34
CA PRO A 110 -5.78 -26.36 -8.80
C PRO A 110 -7.01 -26.51 -7.92
N VAL A 111 -6.94 -25.93 -6.73
CA VAL A 111 -8.08 -25.65 -5.83
C VAL A 111 -8.15 -24.13 -5.71
N VAL A 112 -9.29 -23.55 -6.05
CA VAL A 112 -9.47 -22.08 -6.10
C VAL A 112 -10.63 -21.71 -5.20
N LEU A 113 -10.41 -20.81 -4.22
CA LEU A 113 -11.52 -20.19 -3.46
C LEU A 113 -11.87 -18.84 -4.08
N VAL A 114 -13.17 -18.54 -4.14
CA VAL A 114 -13.71 -17.28 -4.70
C VAL A 114 -14.97 -16.89 -3.92
N GLY A 115 -15.15 -15.58 -3.73
CA GLY A 115 -16.35 -15.02 -3.11
C GLY A 115 -16.63 -13.66 -3.69
N ALA A 116 -17.45 -12.89 -3.00
CA ALA A 116 -17.87 -11.53 -3.42
C ALA A 116 -18.08 -10.64 -2.18
N MET A 117 -17.49 -9.44 -2.23
CA MET A 117 -17.59 -8.38 -1.20
C MET A 117 -18.95 -7.66 -1.30
N ARG A 118 -19.64 -7.77 -2.45
CA ARG A 118 -21.02 -7.23 -2.64
C ARG A 118 -21.98 -8.36 -2.99
N PRO A 119 -23.23 -8.35 -2.48
CA PRO A 119 -24.24 -9.36 -2.83
C PRO A 119 -24.55 -9.32 -4.34
N GLY A 120 -24.95 -10.46 -4.92
CA GLY A 120 -25.25 -10.62 -6.35
C GLY A 120 -26.31 -9.64 -6.84
N SER A 121 -27.30 -9.33 -6.00
CA SER A 121 -28.41 -8.39 -6.31
C SER A 121 -27.93 -6.95 -6.31
N SER A 122 -26.68 -6.67 -5.92
CA SER A 122 -26.17 -5.29 -5.72
C SER A 122 -25.83 -4.65 -7.07
N MET A 123 -25.90 -3.32 -7.16
CA MET A 123 -25.26 -2.55 -8.26
C MET A 123 -23.77 -2.90 -8.26
N SER A 124 -23.18 -3.15 -9.44
CA SER A 124 -21.74 -3.44 -9.64
C SER A 124 -21.29 -4.59 -8.73
N ALA A 125 -22.08 -5.64 -8.65
CA ALA A 125 -21.73 -6.92 -8.01
C ALA A 125 -20.39 -7.43 -8.56
N ASP A 126 -19.47 -7.83 -7.69
CA ASP A 126 -18.09 -8.26 -8.04
C ASP A 126 -18.09 -9.78 -8.30
N GLY A 127 -19.19 -10.44 -7.95
CA GLY A 127 -19.31 -11.91 -7.95
C GLY A 127 -19.13 -12.51 -9.34
N PRO A 128 -19.89 -12.06 -10.36
CA PRO A 128 -19.83 -12.63 -11.71
C PRO A 128 -18.40 -12.67 -12.26
N MET A 129 -17.68 -11.54 -12.24
CA MET A 129 -16.30 -11.46 -12.77
C MET A 129 -15.40 -12.38 -11.94
N ASN A 130 -15.56 -12.34 -10.61
CA ASN A 130 -14.71 -13.10 -9.66
C ASN A 130 -14.83 -14.58 -10.02
N LEU A 131 -16.05 -15.04 -10.27
CA LEU A 131 -16.32 -16.45 -10.57
C LEU A 131 -15.73 -16.76 -11.93
N TYR A 132 -16.02 -15.92 -12.93
CA TYR A 132 -15.50 -16.12 -14.30
C TYR A 132 -13.97 -16.25 -14.25
N ASN A 133 -13.30 -15.37 -13.50
CA ASN A 133 -11.81 -15.35 -13.42
C ASN A 133 -11.31 -16.60 -12.70
N ALA A 134 -12.02 -17.06 -11.68
CA ALA A 134 -11.65 -18.26 -10.89
C ALA A 134 -11.67 -19.50 -11.81
N VAL A 135 -12.73 -19.67 -12.61
CA VAL A 135 -12.81 -20.83 -13.53
C VAL A 135 -11.60 -20.79 -14.46
N ASN A 136 -11.22 -19.63 -14.98
CA ASN A 136 -10.05 -19.51 -15.88
C ASN A 136 -8.79 -19.89 -15.10
N VAL A 137 -8.66 -19.50 -13.85
CA VAL A 137 -7.42 -19.83 -13.07
C VAL A 137 -7.39 -21.36 -12.85
N ALA A 138 -8.54 -21.98 -12.58
CA ALA A 138 -8.66 -23.42 -12.24
C ALA A 138 -8.25 -24.29 -13.42
N ILE A 139 -8.55 -23.87 -14.65
CA ILE A 139 -8.29 -24.68 -15.88
C ILE A 139 -6.91 -24.35 -16.47
N ASN A 140 -6.23 -23.30 -16.02
CA ASN A 140 -4.90 -22.90 -16.57
C ASN A 140 -3.85 -23.94 -16.19
N LYS A 141 -3.05 -24.37 -17.15
CA LYS A 141 -1.90 -25.30 -16.99
C LYS A 141 -0.94 -24.83 -15.89
N ALA A 142 -0.60 -23.52 -15.84
CA ALA A 142 0.40 -22.98 -14.87
C ALA A 142 -0.20 -22.89 -13.46
N SER A 143 -1.48 -23.16 -13.27
CA SER A 143 -2.13 -23.19 -11.93
C SER A 143 -1.72 -24.46 -11.17
N THR A 144 -1.22 -25.48 -11.88
CA THR A 144 -0.71 -26.75 -11.29
C THR A 144 0.46 -26.49 -10.30
N ASN A 145 0.34 -27.08 -9.12
CA ASN A 145 1.34 -27.02 -8.02
C ASN A 145 1.64 -25.58 -7.62
N LYS A 146 0.65 -24.69 -7.61
CA LYS A 146 0.81 -23.34 -7.02
C LYS A 146 0.29 -23.32 -5.59
N GLY A 147 -0.27 -24.45 -5.15
CA GLY A 147 -0.98 -24.54 -3.87
C GLY A 147 -2.42 -24.09 -4.02
N VAL A 148 -3.15 -24.04 -2.92
CA VAL A 148 -4.53 -23.53 -2.93
C VAL A 148 -4.43 -22.01 -3.10
N VAL A 149 -5.30 -21.45 -3.94
CA VAL A 149 -5.27 -19.99 -4.22
C VAL A 149 -6.63 -19.35 -3.93
N ILE A 150 -6.62 -18.05 -3.61
CA ILE A 150 -7.81 -17.17 -3.52
C ILE A 150 -7.76 -16.23 -4.71
N VAL A 151 -8.80 -16.28 -5.54
CA VAL A 151 -8.97 -15.43 -6.74
C VAL A 151 -10.05 -14.41 -6.38
N MET A 152 -9.64 -13.15 -6.34
CA MET A 152 -10.52 -12.01 -6.00
C MET A 152 -9.99 -10.78 -6.73
N ASN A 153 -10.87 -10.01 -7.38
CA ASN A 153 -10.53 -8.65 -7.86
C ASN A 153 -9.34 -8.69 -8.82
N ASP A 154 -9.29 -9.70 -9.70
CA ASP A 154 -8.35 -9.83 -10.85
C ASP A 154 -6.97 -10.33 -10.37
N GLU A 155 -6.87 -10.79 -9.13
CA GLU A 155 -5.58 -11.14 -8.46
C GLU A 155 -5.62 -12.60 -7.99
N ILE A 156 -4.48 -13.28 -8.02
CA ILE A 156 -4.27 -14.67 -7.52
C ILE A 156 -3.33 -14.58 -6.32
N HIS A 157 -3.84 -14.89 -5.13
CA HIS A 157 -3.14 -14.84 -3.84
C HIS A 157 -2.87 -16.26 -3.36
N ALA A 158 -1.62 -16.56 -2.97
CA ALA A 158 -1.22 -17.82 -2.27
C ALA A 158 -2.02 -17.92 -0.96
N ALA A 159 -2.64 -19.06 -0.68
CA ALA A 159 -3.44 -19.27 0.57
C ALA A 159 -2.58 -18.96 1.79
N ARG A 160 -1.30 -19.30 1.74
CA ARG A 160 -0.35 -19.02 2.86
C ARG A 160 -0.37 -17.52 3.18
N GLU A 161 -0.31 -16.66 2.16
CA GLU A 161 0.04 -15.22 2.26
C GLU A 161 -1.23 -14.34 2.30
N ALA A 162 -2.40 -14.90 1.97
CA ALA A 162 -3.61 -14.11 1.67
C ALA A 162 -4.35 -13.72 2.95
N THR A 163 -4.99 -12.55 2.97
CA THR A 163 -5.85 -12.07 4.10
C THR A 163 -6.89 -11.05 3.61
N LYS A 164 -8.06 -11.04 4.25
CA LYS A 164 -9.03 -9.92 4.13
C LYS A 164 -8.51 -8.75 4.98
N LEU A 165 -8.09 -7.66 4.33
CA LEU A 165 -7.45 -6.47 4.96
C LEU A 165 -8.43 -5.31 5.17
N ASN A 166 -9.59 -5.30 4.51
CA ASN A 166 -10.60 -4.21 4.57
C ASN A 166 -11.98 -4.81 4.86
N THR A 167 -12.85 -4.05 5.53
CA THR A 167 -14.19 -4.53 5.97
C THR A 167 -15.15 -4.60 4.78
N THR A 168 -15.00 -3.71 3.79
CA THR A 168 -16.05 -3.45 2.76
C THR A 168 -15.52 -3.45 1.33
N ALA A 169 -14.27 -3.05 1.08
CA ALA A 169 -13.74 -2.72 -0.28
C ALA A 169 -13.73 -3.97 -1.17
N VAL A 170 -14.04 -3.84 -2.47
CA VAL A 170 -13.95 -5.01 -3.39
C VAL A 170 -12.50 -5.51 -3.49
N ASN A 171 -11.54 -4.64 -3.20
CA ASN A 171 -10.09 -4.98 -3.18
C ASN A 171 -9.66 -5.29 -1.74
N ALA A 172 -10.52 -5.88 -0.91
CA ALA A 172 -10.21 -6.19 0.51
C ALA A 172 -9.08 -7.21 0.64
N PHE A 173 -8.98 -8.18 -0.28
CA PHE A 173 -7.97 -9.27 -0.19
C PHE A 173 -6.60 -8.74 -0.60
N ALA A 174 -5.57 -9.07 0.18
CA ALA A 174 -4.17 -8.68 -0.07
C ALA A 174 -3.26 -9.82 0.39
N SER A 175 -1.99 -9.76 0.03
CA SER A 175 -0.92 -10.60 0.61
C SER A 175 0.11 -9.63 1.17
N PRO A 176 -0.11 -9.06 2.36
CA PRO A 176 0.75 -7.97 2.83
C PRO A 176 2.22 -8.37 2.97
N ASN A 177 2.57 -9.65 3.19
CA ASN A 177 3.99 -10.04 3.41
C ASN A 177 4.71 -10.27 2.06
N THR A 178 3.99 -10.50 0.96
CA THR A 178 4.61 -10.96 -0.31
C THR A 178 3.96 -10.36 -1.56
N GLY A 179 2.66 -10.12 -1.56
CA GLY A 179 1.87 -9.69 -2.74
C GLY A 179 1.26 -10.87 -3.48
N LYS A 180 0.38 -10.59 -4.43
CA LYS A 180 -0.28 -11.61 -5.26
C LYS A 180 0.79 -12.35 -6.04
N ILE A 181 0.61 -13.64 -6.28
CA ILE A 181 1.53 -14.48 -7.10
C ILE A 181 1.13 -14.37 -8.59
N GLY A 182 -0.04 -13.85 -8.91
CA GLY A 182 -0.39 -13.63 -10.33
C GLY A 182 -1.61 -12.78 -10.55
N THR A 183 -1.99 -12.67 -11.81
CA THR A 183 -3.13 -11.83 -12.28
C THR A 183 -4.05 -12.71 -13.10
N VAL A 184 -5.33 -12.34 -13.11
CA VAL A 184 -6.32 -12.92 -14.04
C VAL A 184 -7.17 -11.73 -14.48
N TYR A 185 -7.06 -11.30 -15.73
CA TYR A 185 -7.75 -10.10 -16.22
C TYR A 185 -8.66 -10.50 -17.38
N TYR A 186 -9.98 -10.45 -17.18
CA TYR A 186 -11.01 -10.94 -18.14
C TYR A 186 -10.56 -12.34 -18.63
N GLY A 187 -10.16 -13.21 -17.69
CA GLY A 187 -9.87 -14.63 -17.96
C GLY A 187 -8.40 -14.93 -18.27
N LYS A 188 -7.63 -13.95 -18.73
CA LYS A 188 -6.20 -14.17 -19.10
C LYS A 188 -5.37 -14.30 -17.81
N VAL A 189 -4.73 -15.45 -17.64
CA VAL A 189 -4.02 -15.87 -16.39
C VAL A 189 -2.51 -15.66 -16.58
N GLU A 190 -1.85 -14.99 -15.63
CA GLU A 190 -0.37 -14.82 -15.62
C GLU A 190 0.13 -15.05 -14.19
N TYR A 191 1.10 -15.95 -13.99
CA TYR A 191 1.82 -16.07 -12.70
C TYR A 191 3.14 -15.30 -12.83
N PHE A 192 3.59 -14.70 -11.73
CA PHE A 192 4.85 -13.90 -11.69
C PHE A 192 5.80 -14.45 -10.64
N THR A 193 5.26 -15.09 -9.61
CA THR A 193 5.98 -15.74 -8.50
C THR A 193 5.22 -17.02 -8.11
N GLN A 194 5.78 -17.79 -7.19
CA GLN A 194 5.09 -18.93 -6.54
C GLN A 194 5.70 -19.06 -5.15
N SER A 195 4.93 -19.60 -4.18
CA SER A 195 5.37 -19.81 -2.78
C SER A 195 6.57 -20.75 -2.80
N VAL A 196 7.57 -20.53 -1.94
CA VAL A 196 8.69 -21.51 -1.73
C VAL A 196 8.54 -22.12 -0.34
N ARG A 197 7.36 -21.97 0.26
CA ARG A 197 6.99 -22.67 1.52
C ARG A 197 6.16 -23.90 1.11
N PRO A 198 6.45 -25.10 1.66
CA PRO A 198 5.76 -26.32 1.22
C PRO A 198 4.24 -26.25 1.48
N HIS A 199 3.48 -26.87 0.59
CA HIS A 199 1.99 -26.84 0.58
C HIS A 199 1.46 -28.13 -0.07
N THR A 200 0.14 -28.29 -0.07
CA THR A 200 -0.64 -29.38 -0.70
C THR A 200 0.09 -30.71 -0.57
N LEU A 201 0.61 -31.27 -1.68
CA LEU A 201 1.12 -32.67 -1.75
C LEU A 201 2.41 -32.80 -0.93
N ALA A 202 3.11 -31.68 -0.69
CA ALA A 202 4.41 -31.63 0.03
C ALA A 202 4.19 -31.51 1.55
N SER A 203 2.97 -31.24 1.98
CA SER A 203 2.63 -31.00 3.41
C SER A 203 2.66 -32.32 4.16
N GLU A 204 3.10 -32.29 5.43
CA GLU A 204 3.21 -33.48 6.32
C GLU A 204 1.85 -33.75 7.00
N PHE A 205 0.86 -32.88 6.83
CA PHE A 205 -0.46 -33.00 7.50
C PHE A 205 -1.39 -33.93 6.70
N ASP A 206 -2.19 -34.71 7.44
CA ASP A 206 -3.15 -35.71 6.92
C ASP A 206 -4.37 -35.73 7.85
N ILE A 207 -5.55 -35.32 7.36
CA ILE A 207 -6.78 -35.17 8.22
C ILE A 207 -7.78 -36.27 7.88
N SER A 208 -7.40 -37.24 7.06
CA SER A 208 -8.29 -38.33 6.56
C SER A 208 -8.86 -39.14 7.74
N LYS A 209 -8.11 -39.28 8.84
CA LYS A 209 -8.50 -40.00 10.09
C LYS A 209 -8.65 -39.01 11.26
N ILE A 210 -9.02 -37.76 10.97
CA ILE A 210 -9.39 -36.74 11.99
C ILE A 210 -10.89 -36.51 11.92
N GLU A 211 -11.52 -36.37 13.08
CA GLU A 211 -12.96 -36.13 13.24
C GLU A 211 -13.23 -34.77 13.89
N GLU A 212 -12.32 -34.30 14.73
CA GLU A 212 -12.50 -33.03 15.47
C GLU A 212 -11.12 -32.39 15.57
N LEU A 213 -11.01 -31.12 15.18
CA LEU A 213 -9.72 -30.38 15.29
C LEU A 213 -9.53 -29.92 16.74
N PRO A 214 -8.29 -29.96 17.26
CA PRO A 214 -8.01 -29.43 18.59
C PRO A 214 -8.51 -27.99 18.80
N ARG A 215 -8.98 -27.68 20.00
CA ARG A 215 -9.44 -26.32 20.37
C ARG A 215 -8.23 -25.39 20.47
N VAL A 216 -8.27 -24.31 19.71
CA VAL A 216 -7.26 -23.22 19.83
C VAL A 216 -8.03 -21.90 19.91
N ASP A 217 -7.79 -21.15 20.98
CA ASP A 217 -8.35 -19.80 21.19
C ASP A 217 -7.34 -18.74 20.66
N ILE A 218 -7.83 -17.51 20.50
CA ILE A 218 -7.02 -16.32 20.11
C ILE A 218 -7.35 -15.18 21.08
N LEU A 219 -6.31 -14.56 21.65
CA LEU A 219 -6.45 -13.49 22.67
C LEU A 219 -5.93 -12.20 22.05
N TYR A 220 -6.58 -11.07 22.35
CA TYR A 220 -6.24 -9.73 21.79
C TYR A 220 -5.50 -8.90 22.84
N ALA A 221 -4.25 -8.56 22.58
CA ALA A 221 -3.34 -7.92 23.55
C ALA A 221 -3.58 -6.40 23.56
N HIS A 222 -3.52 -5.79 24.74
CA HIS A 222 -3.60 -4.32 24.92
C HIS A 222 -2.94 -3.92 26.24
N PRO A 223 -2.61 -2.62 26.40
CA PRO A 223 -2.26 -2.06 27.72
C PRO A 223 -3.30 -2.46 28.78
N ASP A 224 -2.88 -2.54 30.04
CA ASP A 224 -3.74 -2.97 31.18
C ASP A 224 -4.44 -4.29 30.84
N ASP A 225 -3.72 -5.24 30.25
CA ASP A 225 -4.29 -6.56 29.86
C ASP A 225 -4.57 -7.44 31.09
N THR A 226 -5.16 -8.59 30.85
CA THR A 226 -5.78 -9.42 31.91
C THR A 226 -5.22 -10.84 31.82
N ASP A 227 -5.50 -11.68 32.83
CA ASP A 227 -5.23 -13.15 32.82
C ASP A 227 -6.55 -13.93 32.73
N VAL A 228 -7.70 -13.28 32.84
CA VAL A 228 -8.99 -14.04 32.97
C VAL A 228 -9.39 -14.68 31.63
N LEU A 229 -8.83 -14.25 30.50
CA LEU A 229 -9.16 -14.87 29.19
C LEU A 229 -8.26 -16.09 28.95
N VAL A 230 -6.95 -15.98 29.21
CA VAL A 230 -6.04 -17.16 29.25
C VAL A 230 -6.66 -18.22 30.19
N ASN A 231 -7.07 -17.80 31.40
CA ASN A 231 -7.61 -18.72 32.43
C ASN A 231 -8.90 -19.37 31.91
N ALA A 232 -9.79 -18.61 31.26
CA ALA A 232 -11.07 -19.15 30.70
C ALA A 232 -10.77 -20.12 29.55
N ALA A 233 -9.73 -19.86 28.74
CA ALA A 233 -9.34 -20.73 27.61
C ALA A 233 -8.90 -22.09 28.15
N LEU A 234 -8.09 -22.13 29.21
CA LEU A 234 -7.59 -23.36 29.87
C LEU A 234 -8.77 -24.17 30.43
N GLN A 235 -9.70 -23.50 31.11
CA GLN A 235 -10.90 -24.09 31.78
C GLN A 235 -11.85 -24.70 30.73
N ALA A 236 -11.85 -24.19 29.51
CA ALA A 236 -12.69 -24.66 28.38
C ALA A 236 -11.93 -25.72 27.56
N GLY A 237 -10.73 -26.11 27.99
CA GLY A 237 -9.97 -27.24 27.41
C GLY A 237 -9.23 -26.83 26.14
N ALA A 238 -8.73 -25.60 26.07
CA ALA A 238 -7.81 -25.16 24.98
C ALA A 238 -6.60 -26.10 24.95
N LYS A 239 -6.28 -26.66 23.79
CA LYS A 239 -5.01 -27.39 23.51
C LYS A 239 -3.95 -26.42 22.98
N GLY A 240 -4.38 -25.30 22.41
CA GLY A 240 -3.49 -24.24 21.92
C GLY A 240 -4.13 -22.88 22.12
N ILE A 241 -3.29 -21.85 22.34
CA ILE A 241 -3.71 -20.42 22.46
C ILE A 241 -2.81 -19.63 21.52
N ILE A 242 -3.40 -18.94 20.54
CA ILE A 242 -2.69 -17.86 19.80
C ILE A 242 -2.83 -16.55 20.58
N HIS A 243 -1.70 -15.91 20.85
CA HIS A 243 -1.63 -14.59 21.52
C HIS A 243 -1.35 -13.53 20.44
N ALA A 244 -2.36 -12.72 20.13
CA ALA A 244 -2.24 -11.63 19.12
C ALA A 244 -1.57 -10.45 19.81
N GLY A 245 -0.25 -10.39 19.77
CA GLY A 245 0.58 -9.56 20.66
C GLY A 245 0.70 -8.12 20.21
N MET A 246 1.23 -7.27 21.09
CA MET A 246 1.48 -5.84 20.81
C MET A 246 2.83 -5.78 20.07
N GLY A 247 2.92 -4.98 18.99
CA GLY A 247 4.07 -4.91 18.09
C GLY A 247 4.56 -6.30 17.71
N ASN A 248 5.85 -6.56 17.93
CA ASN A 248 6.51 -7.83 17.59
C ASN A 248 6.13 -8.88 18.67
N GLY A 249 4.84 -9.23 18.72
CA GLY A 249 4.26 -10.33 19.51
C GLY A 249 4.42 -10.22 21.02
N ASN A 250 4.44 -9.00 21.57
CA ASN A 250 4.80 -8.75 23.00
C ASN A 250 3.58 -8.78 23.89
N PRO A 251 3.64 -9.52 25.01
CA PRO A 251 2.53 -9.54 25.97
C PRO A 251 2.60 -8.49 27.10
N PHE A 252 1.46 -8.18 27.72
CA PHE A 252 1.35 -7.46 29.02
C PHE A 252 1.86 -8.41 30.10
N PRO A 253 2.61 -7.96 31.14
CA PRO A 253 3.14 -8.88 32.15
C PRO A 253 2.10 -9.82 32.77
N LEU A 254 1.02 -9.30 33.39
CA LEU A 254 -0.06 -10.14 33.97
C LEU A 254 -0.42 -11.27 32.99
N THR A 255 -0.59 -10.96 31.70
CA THR A 255 -0.97 -11.95 30.66
C THR A 255 0.16 -12.94 30.36
N GLN A 256 1.42 -12.47 30.36
CA GLN A 256 2.60 -13.32 30.10
C GLN A 256 2.67 -14.41 31.17
N ASN A 257 2.42 -14.05 32.43
CA ASN A 257 2.57 -14.95 33.61
C ASN A 257 1.52 -16.06 33.46
N ALA A 258 0.29 -15.68 33.12
CA ALA A 258 -0.79 -16.64 32.80
C ALA A 258 -0.44 -17.52 31.58
N LEU A 259 0.17 -16.98 30.51
CA LEU A 259 0.59 -17.81 29.34
C LEU A 259 1.73 -18.79 29.70
N GLU A 260 2.70 -18.37 30.51
CA GLU A 260 3.80 -19.23 31.04
C GLU A 260 3.19 -20.44 31.80
N LYS A 261 2.19 -20.21 32.65
CA LYS A 261 1.45 -21.27 33.38
C LYS A 261 0.69 -22.17 32.39
N ALA A 262 -0.06 -21.58 31.45
CA ALA A 262 -0.65 -22.29 30.29
C ALA A 262 0.37 -23.25 29.65
N ALA A 263 1.54 -22.75 29.28
CA ALA A 263 2.57 -23.52 28.55
C ALA A 263 3.06 -24.71 29.41
N LYS A 264 3.39 -24.46 30.68
CA LYS A 264 3.86 -25.51 31.63
C LYS A 264 2.78 -26.59 31.81
N SER A 265 1.49 -26.25 31.70
CA SER A 265 0.34 -27.19 31.70
C SER A 265 0.34 -28.10 30.46
N GLY A 266 1.08 -27.76 29.41
CA GLY A 266 1.10 -28.50 28.14
C GLY A 266 0.24 -27.86 27.05
N VAL A 267 -0.41 -26.72 27.34
CA VAL A 267 -1.18 -25.97 26.31
C VAL A 267 -0.17 -25.19 25.49
N VAL A 268 -0.10 -25.43 24.17
CA VAL A 268 0.91 -24.78 23.28
C VAL A 268 0.52 -23.29 23.20
N VAL A 269 1.39 -22.39 23.65
CA VAL A 269 1.24 -20.93 23.43
C VAL A 269 2.06 -20.53 22.20
N ALA A 270 1.39 -19.96 21.19
CA ALA A 270 2.02 -19.44 19.96
C ALA A 270 1.83 -17.92 19.92
N ARG A 271 2.94 -17.20 19.81
CA ARG A 271 2.99 -15.73 19.77
C ARG A 271 2.81 -15.25 18.33
N SER A 272 1.74 -14.51 18.09
CA SER A 272 1.52 -13.74 16.83
C SER A 272 1.37 -12.28 17.26
N SER A 273 0.76 -11.47 16.41
CA SER A 273 0.72 -9.99 16.55
C SER A 273 -0.64 -9.46 16.06
N ARG A 274 -1.10 -8.35 16.65
CA ARG A 274 -2.39 -7.71 16.28
C ARG A 274 -2.19 -6.72 15.13
N VAL A 275 -0.95 -6.50 14.68
CA VAL A 275 -0.56 -5.29 13.90
C VAL A 275 -1.04 -5.41 12.44
N GLY A 276 -1.01 -6.59 11.82
CA GLY A 276 -1.51 -6.78 10.44
C GLY A 276 -0.48 -7.40 9.49
N SER A 277 0.82 -7.25 9.75
CA SER A 277 1.87 -7.75 8.82
C SER A 277 3.21 -7.90 9.52
N GLY A 278 4.13 -8.61 8.85
CA GLY A 278 5.52 -8.77 9.30
C GLY A 278 5.66 -10.00 10.17
N SER A 279 6.89 -10.38 10.48
CA SER A 279 7.14 -11.60 11.29
C SER A 279 7.04 -11.25 12.77
N THR A 280 6.35 -12.11 13.53
CA THR A 280 6.53 -12.26 15.01
C THR A 280 7.76 -13.15 15.23
N THR A 281 8.93 -12.53 15.40
CA THR A 281 10.26 -13.20 15.32
C THR A 281 10.65 -13.87 16.64
N GLN A 282 11.54 -14.86 16.55
CA GLN A 282 12.24 -15.47 17.71
C GLN A 282 13.35 -14.55 18.17
N GLU A 283 13.79 -14.69 19.42
CA GLU A 283 14.99 -14.00 19.97
C GLU A 283 14.91 -12.48 19.73
N ALA A 284 13.72 -11.88 19.92
CA ALA A 284 13.52 -10.42 20.09
C ALA A 284 13.46 -10.11 21.60
N GLU A 285 12.30 -9.74 22.16
CA GLU A 285 12.23 -9.29 23.58
C GLU A 285 11.69 -10.39 24.49
N VAL A 286 11.08 -11.45 23.94
CA VAL A 286 10.44 -12.54 24.73
C VAL A 286 11.37 -13.75 24.66
N ASP A 287 11.75 -14.28 25.84
CA ASP A 287 12.56 -15.52 25.94
C ASP A 287 11.63 -16.72 25.63
N ASP A 288 11.36 -17.00 24.36
CA ASP A 288 10.45 -18.08 23.92
C ASP A 288 10.88 -19.40 24.56
N LYS A 289 12.15 -19.77 24.39
CA LYS A 289 12.67 -21.08 24.85
C LYS A 289 12.46 -21.20 26.37
N LYS A 290 12.78 -20.16 27.14
CA LYS A 290 12.61 -20.20 28.61
C LYS A 290 11.11 -20.19 28.97
N LEU A 291 10.33 -19.27 28.41
CA LEU A 291 8.89 -19.12 28.74
C LEU A 291 8.10 -20.35 28.23
N GLY A 292 8.65 -21.08 27.27
CA GLY A 292 8.03 -22.30 26.71
C GLY A 292 7.06 -21.96 25.59
N PHE A 293 7.28 -20.86 24.88
CA PHE A 293 6.41 -20.37 23.77
C PHE A 293 6.97 -20.69 22.39
N VAL A 294 6.09 -20.57 21.39
CA VAL A 294 6.39 -20.72 19.93
C VAL A 294 6.20 -19.35 19.27
N ALA A 295 7.14 -18.94 18.41
CA ALA A 295 7.06 -17.76 17.53
C ALA A 295 6.39 -18.19 16.23
N THR A 296 5.27 -17.56 15.86
CA THR A 296 4.49 -17.91 14.63
C THR A 296 5.15 -17.29 13.37
N GLU A 297 6.07 -16.35 13.56
CA GLU A 297 6.87 -15.75 12.47
C GLU A 297 5.87 -15.08 11.49
N SER A 298 5.96 -15.35 10.19
CA SER A 298 5.30 -14.53 9.14
C SER A 298 3.92 -15.11 8.77
N LEU A 299 2.94 -14.98 9.66
CA LEU A 299 1.51 -15.35 9.43
C LEU A 299 0.66 -14.27 10.07
N ASN A 300 -0.56 -14.57 10.48
CA ASN A 300 -1.40 -13.64 11.28
C ASN A 300 -2.13 -14.51 12.30
N PRO A 301 -2.81 -13.90 13.29
CA PRO A 301 -3.36 -14.68 14.38
C PRO A 301 -4.20 -15.87 13.85
N GLN A 302 -5.05 -15.60 12.86
CA GLN A 302 -6.15 -16.51 12.47
C GLN A 302 -5.58 -17.63 11.59
N LYS A 303 -4.55 -17.39 10.77
CA LYS A 303 -3.90 -18.48 10.01
C LYS A 303 -2.94 -19.26 10.92
N ALA A 304 -2.22 -18.59 11.82
CA ALA A 304 -1.42 -19.26 12.85
C ALA A 304 -2.32 -20.19 13.67
N ARG A 305 -3.57 -19.81 13.95
CA ARG A 305 -4.55 -20.68 14.67
C ARG A 305 -4.75 -21.97 13.88
N VAL A 306 -4.93 -21.86 12.55
CA VAL A 306 -5.15 -23.02 11.64
C VAL A 306 -3.91 -23.91 11.64
N LEU A 307 -2.70 -23.34 11.54
CA LEU A 307 -1.46 -24.15 11.55
C LEU A 307 -1.30 -24.83 12.91
N LEU A 308 -1.61 -24.15 14.00
CA LEU A 308 -1.43 -24.74 15.37
C LEU A 308 -2.44 -25.88 15.57
N MET A 309 -3.65 -25.76 15.04
CA MET A 309 -4.71 -26.80 15.15
C MET A 309 -4.22 -28.07 14.44
N LEU A 310 -3.64 -27.90 13.26
CA LEU A 310 -3.05 -29.01 12.46
C LEU A 310 -1.82 -29.57 13.17
N ALA A 311 -0.92 -28.72 13.68
CA ALA A 311 0.23 -29.17 14.51
C ALA A 311 -0.27 -30.07 15.64
N LEU A 312 -1.34 -29.63 16.31
CA LEU A 312 -1.89 -30.27 17.54
C LEU A 312 -2.57 -31.61 17.21
N THR A 313 -2.80 -31.94 15.93
CA THR A 313 -3.25 -33.30 15.52
C THR A 313 -2.10 -34.31 15.61
N LYS A 314 -0.83 -33.92 15.73
CA LYS A 314 0.22 -34.96 15.83
C LYS A 314 1.42 -34.60 16.73
N THR A 315 1.46 -33.46 17.42
CA THR A 315 2.46 -33.19 18.51
C THR A 315 1.96 -32.03 19.39
N SER A 316 2.35 -31.99 20.66
CA SER A 316 2.26 -30.78 21.51
C SER A 316 3.68 -30.33 21.92
N ASP A 317 4.72 -30.93 21.34
CA ASP A 317 6.13 -30.61 21.67
C ASP A 317 6.47 -29.20 21.13
N ARG A 318 6.92 -28.27 21.99
CA ARG A 318 7.24 -26.86 21.63
C ARG A 318 8.24 -26.83 20.47
N GLU A 319 9.31 -27.62 20.57
CA GLU A 319 10.41 -27.68 19.57
C GLU A 319 9.84 -28.11 18.21
N ALA A 320 9.01 -29.15 18.15
CA ALA A 320 8.46 -29.70 16.88
C ALA A 320 7.55 -28.65 16.23
N ILE A 321 6.77 -27.94 17.04
CA ILE A 321 5.76 -26.95 16.56
C ILE A 321 6.51 -25.69 16.07
N GLN A 322 7.58 -25.27 16.76
CA GLN A 322 8.48 -24.17 16.29
C GLN A 322 8.98 -24.50 14.88
N LYS A 323 9.43 -25.73 14.64
CA LYS A 323 9.95 -26.18 13.33
C LYS A 323 8.83 -26.09 12.27
N ILE A 324 7.63 -26.55 12.62
CA ILE A 324 6.43 -26.44 11.74
C ILE A 324 6.18 -24.96 11.38
N PHE A 325 6.18 -24.03 12.35
CA PHE A 325 5.95 -22.58 12.08
C PHE A 325 7.12 -21.96 11.29
N SER A 326 8.35 -22.43 11.51
CA SER A 326 9.55 -21.99 10.74
C SER A 326 9.62 -22.67 9.36
N THR A 327 8.70 -23.58 9.04
CA THR A 327 8.70 -24.35 7.76
C THR A 327 7.52 -23.96 6.85
N TYR A 328 6.28 -23.97 7.36
CA TYR A 328 5.05 -23.83 6.55
C TYR A 328 4.75 -22.34 6.33
N LYS B 1 13.56 31.80 21.32
CA LYS B 1 13.58 30.33 21.00
C LYS B 1 12.38 29.65 21.65
N PRO B 2 11.71 28.70 20.97
CA PRO B 2 10.58 28.00 21.55
C PRO B 2 11.00 27.15 22.76
N GLN B 3 10.13 27.09 23.78
CA GLN B 3 10.29 26.24 25.00
C GLN B 3 9.44 24.99 24.85
N VAL B 4 10.08 23.82 24.75
CA VAL B 4 9.41 22.50 24.57
C VAL B 4 9.78 21.60 25.75
N THR B 5 8.83 20.83 26.29
CA THR B 5 9.09 19.77 27.30
C THR B 5 9.07 18.40 26.61
N ILE B 6 10.14 17.61 26.75
CA ILE B 6 10.17 16.16 26.43
C ILE B 6 9.79 15.39 27.70
N LEU B 7 8.72 14.61 27.62
CA LEU B 7 8.28 13.65 28.65
C LEU B 7 8.68 12.24 28.20
N ALA B 8 9.55 11.60 28.96
CA ALA B 8 10.01 10.22 28.69
C ALA B 8 9.13 9.24 29.50
N THR B 9 8.63 8.21 28.83
CA THR B 9 7.82 7.11 29.43
C THR B 9 8.70 5.88 29.63
N GLY B 10 9.89 5.86 29.05
CA GLY B 10 10.83 4.74 29.19
C GLY B 10 12.26 5.19 29.09
N GLY B 11 13.11 4.35 28.52
CA GLY B 11 14.52 4.72 28.25
C GLY B 11 14.68 5.65 27.06
N THR B 12 15.95 5.84 26.68
CA THR B 12 16.42 6.69 25.56
C THR B 12 16.05 6.01 24.23
N ILE B 13 15.51 6.74 23.27
CA ILE B 13 15.19 6.19 21.92
C ILE B 13 16.33 6.51 20.94
N ALA B 14 17.34 7.28 21.39
CA ALA B 14 18.50 7.77 20.60
C ALA B 14 19.78 7.68 21.45
N GLY B 15 20.91 7.32 20.83
CA GLY B 15 22.21 7.12 21.50
C GLY B 15 22.33 5.75 22.16
N SER B 16 23.47 5.47 22.79
CA SER B 16 23.65 4.31 23.71
C SER B 16 24.55 4.72 24.90
N SER B 26 21.58 20.68 33.26
CA SER B 26 20.56 19.62 33.48
C SER B 26 19.20 20.07 32.91
N ALA B 27 18.58 19.25 32.06
CA ALA B 27 17.28 19.52 31.42
C ALA B 27 16.14 19.19 32.39
N GLY B 28 16.37 18.29 33.37
CA GLY B 28 15.40 17.94 34.42
C GLY B 28 15.19 16.43 34.59
N ALA B 29 15.64 15.64 33.62
CA ALA B 29 15.48 14.16 33.61
C ALA B 29 16.68 13.58 32.86
N VAL B 30 17.42 12.69 33.53
CA VAL B 30 18.68 12.10 33.00
C VAL B 30 18.41 11.50 31.61
N THR B 31 17.22 10.91 31.37
CA THR B 31 16.86 10.28 30.08
C THR B 31 16.93 11.31 28.95
N VAL B 32 16.45 12.54 29.22
CA VAL B 32 16.37 13.61 28.20
C VAL B 32 17.75 14.23 28.01
N ASP B 33 18.53 14.38 29.08
CA ASP B 33 19.96 14.81 28.98
C ASP B 33 20.67 13.87 27.98
N LYS B 34 20.42 12.55 28.05
CA LYS B 34 21.09 11.53 27.18
C LYS B 34 20.62 11.70 25.72
N LEU B 35 19.35 12.04 25.51
CA LEU B 35 18.79 12.38 24.18
C LEU B 35 19.52 13.61 23.60
N LEU B 36 19.69 14.68 24.38
CA LEU B 36 20.36 15.95 23.96
C LEU B 36 21.85 15.71 23.62
N ALA B 37 22.54 14.88 24.41
CA ALA B 37 23.93 14.42 24.14
C ALA B 37 24.02 13.70 22.77
N ALA B 38 23.15 12.72 22.51
CA ALA B 38 23.12 11.91 21.26
C ALA B 38 22.67 12.76 20.06
N VAL B 39 21.77 13.73 20.25
CA VAL B 39 21.20 14.54 19.13
C VAL B 39 21.37 16.01 19.45
N PRO B 40 22.63 16.51 19.50
CA PRO B 40 22.90 17.89 19.89
C PRO B 40 22.28 18.99 19.02
N ALA B 41 21.89 18.69 17.77
CA ALA B 41 21.36 19.67 16.79
C ALA B 41 19.97 20.16 17.23
N ILE B 42 19.27 19.42 18.11
CA ILE B 42 17.92 19.84 18.61
C ILE B 42 18.13 21.04 19.56
N ASN B 43 19.32 21.25 20.12
CA ASN B 43 19.53 22.30 21.17
C ASN B 43 19.52 23.70 20.55
N ASP B 44 19.84 23.83 19.25
CA ASP B 44 19.74 25.13 18.54
C ASP B 44 18.29 25.39 18.13
N LEU B 45 17.39 24.40 18.28
CA LEU B 45 15.98 24.49 17.79
C LEU B 45 15.02 24.97 18.89
N ALA B 46 15.23 24.52 20.12
CA ALA B 46 14.32 24.79 21.26
C ALA B 46 15.14 24.85 22.55
N THR B 47 14.59 25.51 23.58
CA THR B 47 15.01 25.34 24.99
C THR B 47 14.28 24.09 25.50
N ILE B 48 15.02 23.01 25.77
CA ILE B 48 14.41 21.71 26.13
C ILE B 48 14.39 21.59 27.66
N LYS B 49 13.22 21.32 28.23
CA LYS B 49 13.08 20.80 29.61
C LYS B 49 12.65 19.34 29.51
N GLY B 50 12.98 18.53 30.51
CA GLY B 50 12.71 17.08 30.47
C GLY B 50 12.06 16.63 31.74
N GLU B 51 11.10 15.72 31.65
CA GLU B 51 10.53 15.05 32.84
C GLU B 51 10.36 13.55 32.54
N GLN B 52 10.53 12.70 33.55
CA GLN B 52 10.27 11.25 33.46
C GLN B 52 8.89 10.96 34.05
N ILE B 53 7.95 10.53 33.22
CA ILE B 53 6.54 10.23 33.61
C ILE B 53 6.39 8.78 34.08
N SER B 54 7.04 7.81 33.40
CA SER B 54 7.03 6.37 33.78
C SER B 54 8.35 5.75 33.31
N SER B 55 8.62 4.47 33.59
CA SER B 55 9.93 3.82 33.27
C SER B 55 9.71 2.43 32.68
N ILE B 56 8.98 2.32 31.56
CA ILE B 56 8.42 1.02 31.07
C ILE B 56 8.54 0.92 29.55
N GLY B 57 8.73 -0.29 29.04
CA GLY B 57 8.26 -0.68 27.70
C GLY B 57 6.78 -0.36 27.53
N SER B 58 6.34 0.00 26.33
CA SER B 58 4.94 0.42 26.07
C SER B 58 3.99 -0.78 26.19
N GLN B 59 4.47 -2.02 26.12
CA GLN B 59 3.62 -3.23 26.30
C GLN B 59 3.20 -3.34 27.77
N GLU B 60 3.79 -2.54 28.65
CA GLU B 60 3.47 -2.54 30.10
C GLU B 60 2.60 -1.34 30.45
N MET B 61 2.15 -0.57 29.45
CA MET B 61 1.32 0.63 29.69
C MET B 61 0.05 0.23 30.44
N THR B 62 -0.48 1.14 31.27
CA THR B 62 -1.71 0.95 32.08
C THR B 62 -2.50 2.28 32.04
N GLY B 63 -3.82 2.20 32.26
CA GLY B 63 -4.70 3.37 32.46
C GLY B 63 -4.13 4.36 33.47
N LYS B 64 -3.50 3.88 34.55
CA LYS B 64 -2.90 4.75 35.59
C LYS B 64 -1.87 5.69 34.95
N VAL B 65 -1.02 5.16 34.06
CA VAL B 65 0.08 5.94 33.41
C VAL B 65 -0.53 6.92 32.41
N TRP B 66 -1.55 6.46 31.68
CA TRP B 66 -2.35 7.30 30.74
C TRP B 66 -2.87 8.55 31.46
N LEU B 67 -3.49 8.38 32.63
CA LEU B 67 -4.11 9.50 33.39
C LEU B 67 -3.02 10.44 33.90
N LYS B 68 -1.93 9.90 34.47
CA LYS B 68 -0.76 10.70 34.91
C LYS B 68 -0.26 11.54 33.74
N LEU B 69 -0.16 10.94 32.56
CA LEU B 69 0.45 11.57 31.35
C LEU B 69 -0.44 12.74 30.88
N ALA B 70 -1.74 12.50 30.69
CA ALA B 70 -2.70 13.52 30.19
C ALA B 70 -2.82 14.69 31.19
N LYS B 71 -2.92 14.41 32.48
CA LYS B 71 -2.94 15.48 33.53
C LYS B 71 -1.66 16.31 33.42
N ARG B 72 -0.48 15.70 33.28
CA ARG B 72 0.79 16.48 33.28
C ARG B 72 0.87 17.32 32.00
N VAL B 73 0.54 16.73 30.85
CA VAL B 73 0.52 17.47 29.56
C VAL B 73 -0.45 18.66 29.69
N ASN B 74 -1.63 18.46 30.29
CA ASN B 74 -2.63 19.55 30.45
C ASN B 74 -2.00 20.70 31.25
N GLU B 75 -1.42 20.39 32.42
CA GLU B 75 -0.66 21.38 33.23
C GLU B 75 0.40 22.11 32.39
N LEU B 76 1.28 21.36 31.72
CA LEU B 76 2.42 21.93 30.94
C LEU B 76 1.90 22.89 29.86
N LEU B 77 0.92 22.47 29.05
CA LEU B 77 0.41 23.26 27.90
C LEU B 77 -0.42 24.45 28.38
N ALA B 78 -0.87 24.47 29.63
CA ALA B 78 -1.59 25.63 30.24
C ALA B 78 -0.58 26.68 30.73
N GLN B 79 0.73 26.40 30.75
CA GLN B 79 1.80 27.37 31.09
C GLN B 79 2.01 28.30 29.90
N LYS B 80 2.21 29.59 30.16
CA LYS B 80 2.45 30.61 29.10
C LYS B 80 3.86 30.43 28.53
N GLU B 81 4.76 29.78 29.27
CA GLU B 81 6.17 29.58 28.87
C GLU B 81 6.31 28.40 27.89
N THR B 82 5.33 27.47 27.83
CA THR B 82 5.44 26.18 27.09
C THR B 82 4.75 26.26 25.72
N GLU B 83 5.49 26.02 24.63
CA GLU B 83 4.93 26.04 23.25
C GLU B 83 4.48 24.64 22.81
N ALA B 84 5.12 23.58 23.30
CA ALA B 84 4.81 22.21 22.84
C ALA B 84 5.30 21.14 23.84
N VAL B 85 4.75 19.94 23.71
CA VAL B 85 5.19 18.73 24.47
C VAL B 85 5.53 17.63 23.44
N ILE B 86 6.69 16.99 23.61
CA ILE B 86 7.11 15.73 22.92
C ILE B 86 7.14 14.62 23.97
N ILE B 87 6.57 13.47 23.64
CA ILE B 87 6.55 12.25 24.51
C ILE B 87 7.34 11.18 23.76
N THR B 88 8.45 10.72 24.32
CA THR B 88 9.21 9.53 23.83
C THR B 88 8.48 8.29 24.36
N HIS B 89 8.19 7.33 23.49
CA HIS B 89 7.22 6.25 23.82
C HIS B 89 7.66 5.01 23.07
N GLY B 90 7.56 3.85 23.73
CA GLY B 90 7.64 2.57 23.00
C GLY B 90 6.63 2.53 21.88
N THR B 91 6.93 1.81 20.79
CA THR B 91 6.13 1.81 19.52
C THR B 91 4.90 0.91 19.66
N ASP B 92 4.97 -0.18 20.42
CA ASP B 92 3.90 -1.21 20.46
C ASP B 92 2.53 -0.58 20.73
N THR B 93 2.41 0.37 21.68
CA THR B 93 1.12 0.97 22.10
C THR B 93 1.14 2.50 21.97
N MET B 94 2.13 3.06 21.27
CA MET B 94 2.12 4.53 20.97
C MET B 94 0.75 4.97 20.42
N GLU B 95 0.10 4.20 19.54
CA GLU B 95 -1.20 4.61 18.90
C GLU B 95 -2.31 4.78 19.96
N GLU B 96 -2.33 3.96 21.00
CA GLU B 96 -3.39 4.00 22.04
C GLU B 96 -3.19 5.26 22.88
N THR B 97 -1.98 5.49 23.41
CA THR B 97 -1.61 6.68 24.22
C THR B 97 -1.93 7.97 23.45
N ALA B 98 -1.50 8.04 22.17
CA ALA B 98 -1.71 9.19 21.28
C ALA B 98 -3.21 9.49 21.16
N PHE B 99 -4.00 8.44 20.95
CA PHE B 99 -5.47 8.55 20.76
C PHE B 99 -6.16 8.95 22.07
N PHE B 100 -5.69 8.44 23.20
CA PHE B 100 -6.18 8.85 24.56
C PHE B 100 -5.96 10.35 24.72
N LEU B 101 -4.70 10.81 24.57
CA LEU B 101 -4.30 12.23 24.70
C LEU B 101 -5.09 13.09 23.69
N ASN B 102 -5.26 12.59 22.48
CA ASN B 102 -6.01 13.30 21.41
C ASN B 102 -7.40 13.73 21.93
N LEU B 103 -8.01 12.95 22.84
CA LEU B 103 -9.39 13.20 23.34
C LEU B 103 -9.40 13.80 24.76
N THR B 104 -8.23 13.96 25.42
CA THR B 104 -8.12 14.40 26.85
C THR B 104 -7.28 15.68 27.01
N VAL B 105 -6.53 16.12 26.00
CA VAL B 105 -5.62 17.30 26.08
C VAL B 105 -6.40 18.54 25.64
N LYS B 106 -6.51 19.53 26.53
CA LYS B 106 -7.38 20.74 26.37
C LYS B 106 -6.52 21.92 25.93
N SER B 107 -5.88 21.80 24.77
CA SER B 107 -4.94 22.78 24.17
C SER B 107 -4.91 22.55 22.66
N GLN B 108 -4.57 23.58 21.89
CA GLN B 108 -4.25 23.47 20.45
C GLN B 108 -2.73 23.47 20.26
N LYS B 109 -1.96 23.64 21.35
CA LYS B 109 -0.48 23.60 21.28
C LYS B 109 -0.06 22.19 20.88
N PRO B 110 1.01 22.03 20.06
CA PRO B 110 1.38 20.71 19.55
C PRO B 110 1.82 19.73 20.66
N VAL B 111 1.36 18.49 20.47
CA VAL B 111 1.68 17.27 21.27
C VAL B 111 2.14 16.22 20.25
N VAL B 112 3.41 15.81 20.35
CA VAL B 112 4.07 14.91 19.37
C VAL B 112 4.54 13.66 20.10
N LEU B 113 4.12 12.51 19.60
CA LEU B 113 4.65 11.20 20.05
C LEU B 113 5.69 10.70 19.05
N VAL B 114 6.81 10.21 19.58
CA VAL B 114 7.94 9.72 18.76
C VAL B 114 8.55 8.51 19.51
N GLY B 115 9.06 7.56 18.72
CA GLY B 115 9.74 6.34 19.18
C GLY B 115 10.76 5.90 18.14
N ALA B 116 11.24 4.67 18.29
CA ALA B 116 12.31 4.05 17.46
C ALA B 116 12.01 2.55 17.31
N MET B 117 11.99 2.08 16.06
CA MET B 117 11.69 0.65 15.74
C MET B 117 12.98 -0.16 15.91
N ARG B 118 14.14 0.50 15.77
CA ARG B 118 15.46 -0.07 16.14
C ARG B 118 15.99 0.61 17.39
N PRO B 119 16.64 -0.12 18.32
CA PRO B 119 17.28 0.50 19.48
C PRO B 119 18.46 1.43 19.12
N GLY B 120 18.71 2.42 19.97
CA GLY B 120 19.73 3.46 19.74
C GLY B 120 21.10 2.88 19.40
N SER B 121 21.47 1.73 19.98
CA SER B 121 22.79 1.06 19.85
C SER B 121 22.89 0.25 18.55
N SER B 122 21.79 0.01 17.86
CA SER B 122 21.73 -0.67 16.54
C SER B 122 22.49 0.13 15.48
N MET B 123 23.03 -0.56 14.48
CA MET B 123 23.33 -0.07 13.10
C MET B 123 22.11 0.66 12.54
N SER B 124 22.31 1.83 11.92
CA SER B 124 21.23 2.58 11.24
C SER B 124 20.02 2.77 12.18
N ALA B 125 20.24 3.15 13.44
CA ALA B 125 19.21 3.52 14.44
C ALA B 125 18.30 4.63 13.90
N ASP B 126 16.99 4.44 13.97
CA ASP B 126 16.00 5.43 13.44
C ASP B 126 15.66 6.49 14.50
N GLY B 127 16.02 6.27 15.77
CA GLY B 127 15.66 7.20 16.86
C GLY B 127 16.17 8.62 16.64
N PRO B 128 17.48 8.83 16.36
CA PRO B 128 18.02 10.19 16.22
C PRO B 128 17.26 11.08 15.21
N MET B 129 17.07 10.60 13.99
CA MET B 129 16.25 11.32 12.97
C MET B 129 14.79 11.49 13.43
N ASN B 130 14.16 10.46 14.00
CA ASN B 130 12.74 10.54 14.46
C ASN B 130 12.62 11.72 15.44
N LEU B 131 13.50 11.76 16.44
CA LEU B 131 13.48 12.77 17.52
C LEU B 131 13.77 14.16 16.95
N TYR B 132 14.79 14.32 16.12
CA TYR B 132 15.09 15.60 15.45
C TYR B 132 13.85 16.07 14.68
N ASN B 133 13.27 15.19 13.85
CA ASN B 133 12.07 15.53 13.05
C ASN B 133 10.96 15.96 14.00
N ALA B 134 10.79 15.24 15.12
CA ALA B 134 9.68 15.43 16.09
C ALA B 134 9.79 16.79 16.76
N VAL B 135 10.99 17.24 17.11
CA VAL B 135 11.17 18.62 17.67
C VAL B 135 10.76 19.64 16.60
N ASN B 136 11.21 19.47 15.36
CA ASN B 136 10.85 20.42 14.26
C ASN B 136 9.33 20.50 14.11
N VAL B 137 8.60 19.39 14.27
CA VAL B 137 7.11 19.39 14.15
C VAL B 137 6.54 20.16 15.34
N ALA B 138 7.05 19.89 16.54
CA ALA B 138 6.54 20.48 17.80
C ALA B 138 6.60 22.01 17.73
N ILE B 139 7.65 22.59 17.13
CA ILE B 139 7.88 24.07 17.16
C ILE B 139 7.31 24.74 15.90
N ASN B 140 6.92 23.97 14.89
CA ASN B 140 6.33 24.54 13.66
C ASN B 140 4.98 25.20 13.96
N LYS B 141 4.79 26.46 13.51
CA LYS B 141 3.54 27.26 13.63
C LYS B 141 2.33 26.45 13.10
N ALA B 142 2.48 25.77 11.96
CA ALA B 142 1.38 25.05 11.27
C ALA B 142 0.91 23.84 12.10
N SER B 143 1.66 23.40 13.11
CA SER B 143 1.27 22.20 13.91
C SER B 143 0.17 22.54 14.92
N THR B 144 -0.12 23.83 15.15
CA THR B 144 -1.21 24.30 16.04
C THR B 144 -2.56 23.71 15.58
N ASN B 145 -3.32 23.12 16.50
CA ASN B 145 -4.69 22.62 16.28
C ASN B 145 -4.69 21.52 15.22
N LYS B 146 -3.60 20.75 15.11
CA LYS B 146 -3.55 19.54 14.24
C LYS B 146 -3.94 18.33 15.07
N GLY B 147 -4.10 18.50 16.38
CA GLY B 147 -4.35 17.39 17.31
C GLY B 147 -3.05 16.68 17.66
N VAL B 148 -3.10 15.71 18.55
CA VAL B 148 -1.90 14.91 18.92
C VAL B 148 -1.43 14.22 17.64
N VAL B 149 -0.14 14.17 17.36
CA VAL B 149 0.40 13.51 16.14
C VAL B 149 1.48 12.52 16.54
N ILE B 150 1.65 11.48 15.72
CA ILE B 150 2.85 10.60 15.73
C ILE B 150 3.77 11.03 14.57
N VAL B 151 5.04 11.24 14.87
CA VAL B 151 6.12 11.54 13.90
C VAL B 151 7.09 10.36 13.91
N MET B 152 7.10 9.61 12.81
CA MET B 152 7.94 8.41 12.59
C MET B 152 8.32 8.35 11.12
N ASN B 153 9.58 8.08 10.79
CA ASN B 153 10.01 7.77 9.39
C ASN B 153 9.57 8.87 8.42
N ASP B 154 9.77 10.13 8.81
CA ASP B 154 9.61 11.36 7.99
C ASP B 154 8.12 11.65 7.69
N GLU B 155 7.21 11.10 8.49
CA GLU B 155 5.73 11.16 8.33
C GLU B 155 5.10 11.74 9.59
N ILE B 156 4.08 12.59 9.41
CA ILE B 156 3.19 13.11 10.50
C ILE B 156 1.84 12.40 10.33
N HIS B 157 1.44 11.64 11.34
CA HIS B 157 0.16 10.89 11.37
C HIS B 157 -0.75 11.52 12.43
N ALA B 158 -2.02 11.78 12.07
CA ALA B 158 -3.07 12.19 13.03
C ALA B 158 -3.27 11.03 14.01
N ALA B 159 -3.39 11.32 15.31
CA ALA B 159 -3.58 10.29 16.37
C ALA B 159 -4.82 9.43 16.06
N ARG B 160 -5.90 10.02 15.55
CA ARG B 160 -7.14 9.28 15.26
C ARG B 160 -6.84 8.12 14.28
N GLU B 161 -5.89 8.32 13.37
CA GLU B 161 -5.77 7.51 12.12
C GLU B 161 -4.58 6.55 12.21
N ALA B 162 -3.63 6.83 13.10
CA ALA B 162 -2.30 6.18 13.18
C ALA B 162 -2.44 4.74 13.72
N THR B 163 -1.59 3.84 13.23
CA THR B 163 -1.45 2.45 13.76
C THR B 163 -0.05 1.93 13.41
N LYS B 164 0.54 1.15 14.31
CA LYS B 164 1.66 0.26 13.96
C LYS B 164 1.09 -0.91 13.12
N LEU B 165 1.45 -0.98 11.84
CA LEU B 165 0.91 -1.97 10.86
C LEU B 165 1.87 -3.15 10.66
N ASN B 166 3.10 -3.08 11.16
CA ASN B 166 4.17 -4.06 10.85
C ASN B 166 4.97 -4.32 12.14
N THR B 167 5.48 -5.53 12.30
CA THR B 167 6.11 -5.94 13.56
C THR B 167 7.47 -5.25 13.71
N THR B 168 8.22 -4.99 12.62
CA THR B 168 9.69 -4.75 12.72
C THR B 168 10.19 -3.60 11.81
N ALA B 169 9.48 -3.26 10.73
CA ALA B 169 9.96 -2.27 9.73
C ALA B 169 10.02 -0.87 10.36
N VAL B 170 11.02 -0.07 9.96
CA VAL B 170 11.17 1.35 10.42
C VAL B 170 9.98 2.16 9.91
N ASN B 171 9.39 1.75 8.78
CA ASN B 171 8.14 2.32 8.20
C ASN B 171 6.91 1.58 8.74
N ALA B 172 6.91 1.08 9.98
CA ALA B 172 5.79 0.26 10.51
C ALA B 172 4.52 1.11 10.73
N PHE B 173 4.65 2.42 10.94
CA PHE B 173 3.48 3.29 11.26
C PHE B 173 2.77 3.65 9.96
N ALA B 174 1.44 3.69 9.97
CA ALA B 174 0.60 3.95 8.78
C ALA B 174 -0.68 4.61 9.25
N SER B 175 -1.40 5.30 8.36
CA SER B 175 -2.81 5.68 8.56
C SER B 175 -3.63 5.03 7.46
N PRO B 176 -4.08 3.77 7.66
CA PRO B 176 -4.62 2.97 6.56
C PRO B 176 -5.96 3.47 6.00
N ASN B 177 -6.75 4.23 6.76
CA ASN B 177 -8.06 4.78 6.28
C ASN B 177 -7.90 6.18 5.70
N THR B 178 -6.75 6.87 5.85
CA THR B 178 -6.64 8.31 5.46
C THR B 178 -5.24 8.78 5.02
N GLY B 179 -4.15 8.11 5.38
CA GLY B 179 -2.77 8.54 5.06
C GLY B 179 -2.25 9.60 6.00
N LYS B 180 -0.92 9.81 5.95
CA LYS B 180 -0.17 10.80 6.76
C LYS B 180 -0.76 12.19 6.50
N ILE B 181 -0.85 13.04 7.52
CA ILE B 181 -1.40 14.41 7.34
C ILE B 181 -0.25 15.32 6.85
N GLY B 182 0.99 14.84 6.90
CA GLY B 182 2.15 15.71 6.62
C GLY B 182 3.44 14.93 6.54
N THR B 183 4.48 15.63 6.09
CA THR B 183 5.87 15.14 5.96
C THR B 183 6.78 15.97 6.88
N VAL B 184 7.86 15.38 7.37
CA VAL B 184 9.01 16.15 7.94
C VAL B 184 10.29 15.51 7.40
N TYR B 185 11.08 16.26 6.63
CA TYR B 185 12.26 15.73 5.91
C TYR B 185 13.45 16.59 6.29
N TYR B 186 14.41 16.01 6.99
CA TYR B 186 15.60 16.71 7.54
C TYR B 186 15.12 18.00 8.20
N GLY B 187 13.97 17.95 8.92
CA GLY B 187 13.45 19.06 9.73
C GLY B 187 12.46 19.96 9.01
N LYS B 188 12.33 19.82 7.68
CA LYS B 188 11.38 20.65 6.88
C LYS B 188 9.98 20.06 7.06
N VAL B 189 9.08 20.81 7.71
CA VAL B 189 7.69 20.42 8.07
C VAL B 189 6.72 20.98 7.03
N GLU B 190 5.90 20.12 6.43
CA GLU B 190 4.81 20.50 5.50
C GLU B 190 3.58 19.68 5.84
N TYR B 191 2.45 20.32 6.10
CA TYR B 191 1.14 19.63 6.22
C TYR B 191 0.44 19.67 4.86
N PHE B 192 -0.25 18.59 4.48
CA PHE B 192 -1.07 18.52 3.25
C PHE B 192 -2.54 18.33 3.57
N THR B 193 -2.85 17.82 4.76
CA THR B 193 -4.26 17.60 5.21
C THR B 193 -4.35 17.90 6.70
N GLN B 194 -5.58 17.97 7.21
CA GLN B 194 -5.87 17.98 8.67
C GLN B 194 -7.12 17.13 8.89
N SER B 195 -7.22 16.45 10.03
CA SER B 195 -8.42 15.66 10.40
C SER B 195 -9.61 16.62 10.53
N VAL B 196 -10.80 16.20 10.06
CA VAL B 196 -12.07 16.96 10.27
C VAL B 196 -12.90 16.30 11.39
N ARG B 197 -12.33 15.39 12.18
CA ARG B 197 -12.99 14.76 13.35
C ARG B 197 -12.54 15.49 14.60
N PRO B 198 -13.47 15.93 15.48
CA PRO B 198 -13.11 16.78 16.62
C PRO B 198 -12.05 16.13 17.52
N HIS B 199 -11.13 16.96 18.00
CA HIS B 199 -10.04 16.50 18.90
C HIS B 199 -9.67 17.59 19.90
N THR B 200 -8.80 17.22 20.85
CA THR B 200 -8.11 18.07 21.84
C THR B 200 -9.10 19.08 22.44
N LEU B 201 -8.94 20.39 22.15
CA LEU B 201 -9.74 21.49 22.76
C LEU B 201 -11.24 21.31 22.48
N ALA B 202 -11.61 20.63 21.38
CA ALA B 202 -13.00 20.42 20.94
C ALA B 202 -13.61 19.15 21.55
N SER B 203 -12.83 18.32 22.25
CA SER B 203 -13.34 17.05 22.80
C SER B 203 -14.24 17.29 24.01
N GLU B 204 -15.32 16.51 24.15
CA GLU B 204 -16.25 16.58 25.30
C GLU B 204 -15.66 15.84 26.52
N PHE B 205 -14.50 15.19 26.39
CA PHE B 205 -13.97 14.35 27.49
C PHE B 205 -13.14 15.21 28.42
N ASP B 206 -13.20 14.91 29.72
CA ASP B 206 -12.45 15.62 30.78
C ASP B 206 -12.09 14.59 31.84
N ILE B 207 -10.82 14.16 31.88
CA ILE B 207 -10.33 13.07 32.78
C ILE B 207 -9.67 13.68 34.03
N SER B 208 -9.65 15.02 34.15
CA SER B 208 -8.98 15.75 35.26
C SER B 208 -9.34 15.18 36.65
N LYS B 209 -10.57 14.66 36.83
CA LYS B 209 -11.08 14.14 38.13
C LYS B 209 -11.17 12.60 38.13
N ILE B 210 -10.57 11.94 37.14
CA ILE B 210 -10.66 10.46 36.93
C ILE B 210 -9.35 9.83 37.43
N GLU B 211 -9.46 8.86 38.33
CA GLU B 211 -8.27 8.20 38.94
C GLU B 211 -8.14 6.78 38.38
N GLU B 212 -9.25 6.13 38.00
CA GLU B 212 -9.23 4.81 37.32
C GLU B 212 -10.18 4.82 36.12
N LEU B 213 -9.74 4.25 34.99
CA LEU B 213 -10.56 4.14 33.75
C LEU B 213 -11.47 2.92 33.82
N PRO B 214 -12.73 3.03 33.31
CA PRO B 214 -13.60 1.87 33.20
C PRO B 214 -12.86 0.72 32.50
N ARG B 215 -13.14 -0.51 32.90
CA ARG B 215 -12.49 -1.71 32.32
C ARG B 215 -13.11 -2.02 30.96
N VAL B 216 -12.32 -2.14 29.89
CA VAL B 216 -12.83 -2.61 28.57
C VAL B 216 -11.95 -3.76 28.08
N ASP B 217 -12.55 -4.90 27.76
CA ASP B 217 -11.86 -6.09 27.18
C ASP B 217 -12.00 -6.10 25.66
N ILE B 218 -11.10 -6.81 24.97
CA ILE B 218 -11.07 -6.99 23.49
C ILE B 218 -11.01 -8.48 23.23
N LEU B 219 -11.87 -8.93 22.33
CA LEU B 219 -12.05 -10.34 21.95
C LEU B 219 -11.74 -10.52 20.46
N TYR B 220 -11.05 -11.60 20.11
CA TYR B 220 -10.59 -11.93 18.74
C TYR B 220 -11.49 -13.01 18.16
N ALA B 221 -12.27 -12.64 17.15
CA ALA B 221 -13.26 -13.48 16.45
C ALA B 221 -12.53 -14.43 15.51
N HIS B 222 -13.13 -15.60 15.30
CA HIS B 222 -12.61 -16.67 14.40
C HIS B 222 -13.70 -17.71 14.22
N PRO B 223 -13.65 -18.58 13.17
CA PRO B 223 -14.56 -19.71 13.06
C PRO B 223 -14.52 -20.65 14.28
N ASP B 224 -15.64 -21.30 14.58
CA ASP B 224 -15.75 -22.22 15.75
C ASP B 224 -15.47 -21.41 17.03
N ASP B 225 -15.90 -20.14 17.10
CA ASP B 225 -15.69 -19.24 18.28
C ASP B 225 -16.47 -19.76 19.50
N THR B 226 -16.30 -19.10 20.65
CA THR B 226 -16.72 -19.56 22.00
C THR B 226 -17.51 -18.44 22.67
N ASP B 227 -18.26 -18.75 23.73
CA ASP B 227 -18.89 -17.76 24.66
C ASP B 227 -18.03 -17.60 25.93
N VAL B 228 -17.05 -18.46 26.21
CA VAL B 228 -16.38 -18.46 27.55
C VAL B 228 -15.60 -17.16 27.79
N LEU B 229 -15.17 -16.44 26.75
CA LEU B 229 -14.30 -15.25 26.98
C LEU B 229 -15.19 -14.03 27.25
N VAL B 230 -16.32 -13.90 26.54
CA VAL B 230 -17.38 -12.91 26.89
C VAL B 230 -17.68 -13.11 28.38
N ASN B 231 -17.92 -14.36 28.77
CA ASN B 231 -18.36 -14.75 30.14
C ASN B 231 -17.29 -14.35 31.15
N ALA B 232 -15.99 -14.62 30.89
CA ALA B 232 -14.90 -14.26 31.81
C ALA B 232 -14.77 -12.74 31.88
N ALA B 233 -14.88 -12.03 30.75
CA ALA B 233 -14.86 -10.55 30.71
C ALA B 233 -15.97 -9.97 31.62
N LEU B 234 -17.19 -10.53 31.54
CA LEU B 234 -18.34 -10.14 32.40
C LEU B 234 -17.98 -10.41 33.87
N GLN B 235 -17.50 -11.62 34.16
CA GLN B 235 -17.13 -12.11 35.52
C GLN B 235 -16.06 -11.18 36.14
N ALA B 236 -15.12 -10.60 35.37
CA ALA B 236 -14.04 -9.69 35.85
C ALA B 236 -14.51 -8.21 35.93
N GLY B 237 -15.78 -7.91 35.63
CA GLY B 237 -16.40 -6.58 35.78
C GLY B 237 -16.21 -5.68 34.57
N ALA B 238 -16.11 -6.23 33.36
CA ALA B 238 -16.03 -5.42 32.12
C ALA B 238 -17.19 -4.42 32.12
N LYS B 239 -16.91 -3.14 31.86
CA LYS B 239 -17.94 -2.09 31.66
C LYS B 239 -18.23 -1.99 30.17
N GLY B 240 -17.31 -2.44 29.33
CA GLY B 240 -17.46 -2.44 27.85
C GLY B 240 -16.63 -3.55 27.25
N ILE B 241 -17.00 -4.02 26.07
CA ILE B 241 -16.26 -5.09 25.33
C ILE B 241 -16.15 -4.63 23.88
N ILE B 242 -14.94 -4.60 23.36
CA ILE B 242 -14.70 -4.43 21.90
C ILE B 242 -14.61 -5.84 21.31
N HIS B 243 -15.50 -6.16 20.37
CA HIS B 243 -15.48 -7.42 19.58
C HIS B 243 -14.71 -7.13 18.29
N ALA B 244 -13.56 -7.78 18.09
CA ALA B 244 -12.78 -7.69 16.83
C ALA B 244 -13.34 -8.74 15.88
N GLY B 245 -14.35 -8.35 15.11
CA GLY B 245 -15.19 -9.25 14.32
C GLY B 245 -14.51 -9.73 13.05
N MET B 246 -15.11 -10.75 12.49
CA MET B 246 -14.76 -11.29 11.15
C MET B 246 -15.35 -10.35 10.10
N GLY B 247 -14.52 -9.95 9.13
CA GLY B 247 -14.91 -9.08 8.00
C GLY B 247 -15.43 -7.75 8.53
N ASN B 248 -16.66 -7.41 8.19
CA ASN B 248 -17.35 -6.16 8.64
C ASN B 248 -17.99 -6.47 10.00
N GLY B 249 -17.13 -6.62 11.02
CA GLY B 249 -17.48 -6.80 12.43
C GLY B 249 -18.51 -7.90 12.70
N ASN B 250 -18.37 -9.09 12.09
CA ASN B 250 -19.35 -10.20 12.24
C ASN B 250 -18.92 -11.17 13.34
N PRO B 251 -19.85 -11.58 14.23
CA PRO B 251 -19.58 -12.61 15.23
C PRO B 251 -20.03 -13.99 14.76
N PHE B 252 -19.47 -15.01 15.38
CA PHE B 252 -19.92 -16.42 15.33
C PHE B 252 -21.21 -16.48 16.13
N PRO B 253 -22.16 -17.39 15.82
CA PRO B 253 -23.47 -17.38 16.48
C PRO B 253 -23.37 -17.48 18.01
N LEU B 254 -22.63 -18.46 18.53
CA LEU B 254 -22.45 -18.70 19.99
C LEU B 254 -21.97 -17.41 20.67
N THR B 255 -20.97 -16.74 20.09
CA THR B 255 -20.39 -15.48 20.64
C THR B 255 -21.45 -14.38 20.69
N GLN B 256 -22.25 -14.24 19.62
CA GLN B 256 -23.25 -13.15 19.50
C GLN B 256 -24.30 -13.31 20.62
N ASN B 257 -24.65 -14.55 20.97
CA ASN B 257 -25.68 -14.87 22.00
C ASN B 257 -25.19 -14.36 23.35
N ALA B 258 -23.90 -14.60 23.67
CA ALA B 258 -23.24 -14.12 24.91
C ALA B 258 -23.17 -12.59 24.92
N LEU B 259 -22.82 -11.97 23.79
CA LEU B 259 -22.71 -10.50 23.66
C LEU B 259 -24.09 -9.88 23.86
N GLU B 260 -25.15 -10.53 23.38
CA GLU B 260 -26.56 -10.09 23.56
C GLU B 260 -26.84 -10.01 25.06
N LYS B 261 -26.52 -11.08 25.79
CA LYS B 261 -26.71 -11.18 27.26
C LYS B 261 -25.90 -10.08 27.97
N ALA B 262 -24.62 -9.91 27.62
CA ALA B 262 -23.74 -8.85 28.14
C ALA B 262 -24.44 -7.49 28.03
N ALA B 263 -25.03 -7.19 26.85
CA ALA B 263 -25.67 -5.89 26.50
C ALA B 263 -26.96 -5.71 27.31
N LYS B 264 -27.75 -6.79 27.44
CA LYS B 264 -29.00 -6.75 28.23
C LYS B 264 -28.65 -6.52 29.72
N SER B 265 -27.56 -7.09 30.23
CA SER B 265 -27.08 -6.85 31.62
C SER B 265 -26.56 -5.40 31.79
N GLY B 266 -26.35 -4.66 30.70
CA GLY B 266 -25.95 -3.23 30.69
C GLY B 266 -24.45 -3.05 30.43
N VAL B 267 -23.74 -4.07 29.96
CA VAL B 267 -22.32 -3.95 29.51
C VAL B 267 -22.33 -3.47 28.05
N VAL B 268 -21.61 -2.41 27.72
CA VAL B 268 -21.60 -1.81 26.35
C VAL B 268 -20.75 -2.68 25.44
N VAL B 269 -21.36 -3.19 24.35
CA VAL B 269 -20.72 -4.09 23.33
C VAL B 269 -20.55 -3.27 22.06
N ALA B 270 -19.30 -3.11 21.63
CA ALA B 270 -18.95 -2.31 20.44
C ALA B 270 -18.30 -3.24 19.42
N ARG B 271 -18.81 -3.25 18.19
CA ARG B 271 -18.31 -4.15 17.13
C ARG B 271 -17.18 -3.40 16.43
N SER B 272 -16.01 -4.01 16.40
CA SER B 272 -14.87 -3.58 15.56
C SER B 272 -14.53 -4.79 14.68
N SER B 273 -13.32 -4.83 14.17
CA SER B 273 -12.92 -5.83 13.16
C SER B 273 -11.45 -6.15 13.31
N ARG B 274 -11.14 -7.40 13.00
CA ARG B 274 -9.77 -7.93 13.03
C ARG B 274 -9.00 -7.57 11.76
N VAL B 275 -9.66 -7.05 10.71
CA VAL B 275 -9.10 -7.12 9.32
C VAL B 275 -7.93 -6.15 9.15
N GLY B 276 -8.00 -4.94 9.71
CA GLY B 276 -6.87 -3.98 9.67
C GLY B 276 -7.32 -2.58 9.25
N SER B 277 -8.37 -2.48 8.44
CA SER B 277 -8.76 -1.21 7.79
C SER B 277 -10.25 -1.25 7.45
N GLY B 278 -10.83 -0.06 7.30
CA GLY B 278 -12.19 0.13 6.79
C GLY B 278 -13.14 0.30 7.96
N SER B 279 -14.39 0.61 7.67
CA SER B 279 -15.38 0.96 8.71
C SER B 279 -16.10 -0.32 9.10
N THR B 280 -16.24 -0.57 10.40
CA THR B 280 -17.23 -1.57 10.90
C THR B 280 -18.58 -0.86 10.94
N THR B 281 -19.41 -1.06 9.90
CA THR B 281 -20.54 -0.16 9.55
C THR B 281 -21.83 -0.51 10.30
N GLN B 282 -22.68 0.51 10.47
CA GLN B 282 -24.10 0.35 10.88
C GLN B 282 -24.89 -0.22 9.70
N GLU B 283 -25.96 -0.95 10.01
CA GLU B 283 -26.98 -1.40 9.03
C GLU B 283 -26.31 -2.37 8.04
N ALA B 284 -25.46 -3.25 8.55
CA ALA B 284 -24.81 -4.32 7.75
C ALA B 284 -25.53 -5.61 8.12
N GLU B 285 -24.83 -6.69 8.43
CA GLU B 285 -25.46 -8.01 8.71
C GLU B 285 -25.87 -8.11 10.18
N VAL B 286 -25.43 -7.19 11.04
CA VAL B 286 -25.73 -7.26 12.49
C VAL B 286 -26.80 -6.20 12.83
N ASP B 287 -27.91 -6.66 13.41
CA ASP B 287 -29.02 -5.80 13.89
C ASP B 287 -28.62 -5.22 15.25
N ASP B 288 -27.75 -4.19 15.24
CA ASP B 288 -27.15 -3.53 16.43
C ASP B 288 -28.25 -3.01 17.37
N LYS B 289 -29.28 -2.35 16.82
CA LYS B 289 -30.45 -1.78 17.55
C LYS B 289 -31.16 -2.87 18.37
N LYS B 290 -31.55 -3.97 17.72
CA LYS B 290 -32.31 -5.08 18.35
C LYS B 290 -31.44 -5.78 19.40
N LEU B 291 -30.14 -6.00 19.12
CA LEU B 291 -29.23 -6.80 19.99
C LEU B 291 -28.62 -5.88 21.05
N GLY B 292 -28.60 -4.56 20.82
CA GLY B 292 -28.14 -3.53 21.78
C GLY B 292 -26.66 -3.20 21.60
N PHE B 293 -26.13 -3.36 20.39
CA PHE B 293 -24.69 -3.15 20.10
C PHE B 293 -24.44 -1.77 19.50
N VAL B 294 -23.20 -1.34 19.66
CA VAL B 294 -22.60 -0.14 19.01
C VAL B 294 -21.75 -0.66 17.84
N ALA B 295 -21.71 0.11 16.75
CA ALA B 295 -20.75 -0.07 15.64
C ALA B 295 -19.64 0.99 15.80
N THR B 296 -18.37 0.56 15.79
CA THR B 296 -17.21 1.46 16.03
C THR B 296 -16.81 2.22 14.76
N GLU B 297 -17.31 1.79 13.59
CA GLU B 297 -17.08 2.49 12.29
C GLU B 297 -15.56 2.52 11.99
N SER B 298 -14.99 3.67 11.63
CA SER B 298 -13.64 3.75 11.00
C SER B 298 -12.55 3.89 12.07
N LEU B 299 -12.35 2.84 12.87
CA LEU B 299 -11.28 2.79 13.91
C LEU B 299 -10.61 1.42 13.79
N ASN B 300 -9.96 0.92 14.85
CA ASN B 300 -9.48 -0.47 14.96
C ASN B 300 -9.76 -0.90 16.40
N PRO B 301 -9.70 -2.20 16.73
CA PRO B 301 -10.11 -2.64 18.07
C PRO B 301 -9.43 -1.86 19.21
N GLN B 302 -8.12 -1.61 19.13
CA GLN B 302 -7.34 -1.06 20.29
C GLN B 302 -7.74 0.41 20.52
N LYS B 303 -7.97 1.18 19.46
CA LYS B 303 -8.40 2.59 19.54
C LYS B 303 -9.89 2.65 19.93
N ALA B 304 -10.73 1.77 19.38
CA ALA B 304 -12.15 1.61 19.81
C ALA B 304 -12.19 1.42 21.34
N ARG B 305 -11.27 0.65 21.90
CA ARG B 305 -11.19 0.40 23.35
C ARG B 305 -11.00 1.72 24.09
N VAL B 306 -10.04 2.55 23.64
CA VAL B 306 -9.71 3.83 24.30
C VAL B 306 -10.97 4.72 24.25
N LEU B 307 -11.66 4.79 23.10
CA LEU B 307 -12.84 5.67 22.92
C LEU B 307 -14.02 5.16 23.78
N LEU B 308 -14.18 3.84 23.91
CA LEU B 308 -15.25 3.27 24.75
C LEU B 308 -14.93 3.58 26.22
N MET B 309 -13.65 3.44 26.61
CA MET B 309 -13.20 3.66 28.01
C MET B 309 -13.57 5.10 28.39
N LEU B 310 -13.27 6.06 27.52
CA LEU B 310 -13.64 7.47 27.76
C LEU B 310 -15.16 7.64 27.70
N ALA B 311 -15.86 6.99 26.76
CA ALA B 311 -17.34 7.08 26.66
C ALA B 311 -17.95 6.61 27.97
N LEU B 312 -17.42 5.56 28.58
CA LEU B 312 -17.99 4.99 29.83
C LEU B 312 -17.74 5.90 31.04
N THR B 313 -16.80 6.85 31.02
CA THR B 313 -16.63 7.79 32.16
C THR B 313 -17.86 8.71 32.27
N LYS B 314 -18.81 8.71 31.32
CA LYS B 314 -20.02 9.56 31.51
C LYS B 314 -21.32 9.03 30.91
N THR B 315 -21.34 7.89 30.23
CA THR B 315 -22.61 7.22 29.85
C THR B 315 -22.34 5.73 29.61
N SER B 316 -23.38 4.91 29.73
CA SER B 316 -23.43 3.57 29.10
C SER B 316 -24.66 3.48 28.19
N ASP B 317 -25.23 4.62 27.79
CA ASP B 317 -26.38 4.64 26.84
C ASP B 317 -25.89 4.32 25.41
N ARG B 318 -26.51 3.31 24.77
CA ARG B 318 -26.13 2.77 23.45
C ARG B 318 -26.19 3.88 22.40
N GLU B 319 -27.26 4.67 22.41
CA GLU B 319 -27.49 5.72 21.39
C GLU B 319 -26.47 6.85 21.61
N ALA B 320 -26.20 7.22 22.87
CA ALA B 320 -25.19 8.25 23.22
C ALA B 320 -23.81 7.79 22.73
N ILE B 321 -23.44 6.54 23.02
CA ILE B 321 -22.09 5.98 22.69
C ILE B 321 -21.99 5.85 21.16
N GLN B 322 -23.05 5.43 20.47
CA GLN B 322 -23.01 5.34 18.99
C GLN B 322 -22.68 6.71 18.43
N LYS B 323 -23.38 7.75 18.90
CA LYS B 323 -23.12 9.14 18.47
C LYS B 323 -21.64 9.48 18.72
N ILE B 324 -21.10 9.13 19.88
CA ILE B 324 -19.66 9.33 20.24
C ILE B 324 -18.77 8.68 19.16
N PHE B 325 -19.02 7.41 18.78
CA PHE B 325 -18.23 6.67 17.75
C PHE B 325 -18.45 7.26 16.34
N SER B 326 -19.63 7.85 16.07
CA SER B 326 -19.95 8.49 14.77
C SER B 326 -19.39 9.92 14.73
N THR B 327 -18.81 10.43 15.82
CA THR B 327 -18.30 11.82 15.96
C THR B 327 -16.78 11.85 15.95
N TYR B 328 -16.13 11.17 16.91
CA TYR B 328 -14.67 11.32 17.15
C TYR B 328 -13.91 10.43 16.18
N LYS C 1 35.17 -19.68 5.35
CA LYS C 1 34.36 -18.44 5.14
C LYS C 1 34.07 -18.29 3.66
N PRO C 2 32.84 -17.88 3.26
CA PRO C 2 32.58 -17.53 1.86
C PRO C 2 33.42 -16.35 1.34
N GLN C 3 33.90 -16.43 0.10
CA GLN C 3 34.57 -15.31 -0.62
C GLN C 3 33.53 -14.55 -1.45
N VAL C 4 33.41 -13.25 -1.18
CA VAL C 4 32.44 -12.34 -1.85
C VAL C 4 33.24 -11.12 -2.31
N THR C 5 32.91 -10.59 -3.48
CA THR C 5 33.52 -9.37 -4.06
C THR C 5 32.46 -8.28 -3.97
N ILE C 6 32.79 -7.15 -3.37
CA ILE C 6 31.95 -5.93 -3.48
C ILE C 6 32.48 -5.10 -4.66
N LEU C 7 31.63 -4.85 -5.65
CA LEU C 7 31.89 -3.89 -6.76
C LEU C 7 31.21 -2.56 -6.42
N ALA C 8 32.00 -1.49 -6.28
CA ALA C 8 31.51 -0.11 -6.06
C ALA C 8 31.36 0.57 -7.42
N THR C 9 30.22 1.23 -7.65
CA THR C 9 29.95 2.04 -8.86
C THR C 9 29.98 3.54 -8.52
N GLY C 10 30.22 3.85 -7.24
CA GLY C 10 30.31 5.24 -6.76
C GLY C 10 31.03 5.31 -5.42
N GLY C 11 30.65 6.29 -4.60
CA GLY C 11 31.21 6.53 -3.27
C GLY C 11 30.73 5.47 -2.29
N THR C 12 31.01 5.70 -1.01
CA THR C 12 30.62 4.86 0.15
C THR C 12 29.14 5.08 0.46
N ILE C 13 28.42 3.99 0.73
CA ILE C 13 26.98 4.01 1.17
C ILE C 13 26.91 3.89 2.70
N ALA C 14 28.05 3.74 3.37
CA ALA C 14 28.19 3.60 4.84
C ALA C 14 29.42 4.40 5.30
N SER C 26 44.20 -4.45 2.46
CA SER C 26 43.66 -3.97 1.17
C SER C 26 42.71 -5.04 0.61
N ALA C 27 41.42 -4.74 0.57
CA ALA C 27 40.39 -5.51 -0.17
C ALA C 27 40.63 -5.35 -1.68
N GLY C 28 41.26 -4.24 -2.10
CA GLY C 28 41.60 -3.95 -3.51
C GLY C 28 40.91 -2.69 -4.04
N ALA C 29 40.05 -2.03 -3.27
CA ALA C 29 39.53 -0.68 -3.59
C ALA C 29 39.35 0.09 -2.28
N VAL C 30 39.86 1.32 -2.20
CA VAL C 30 39.84 2.12 -0.95
C VAL C 30 38.37 2.28 -0.50
N THR C 31 37.44 2.47 -1.45
CA THR C 31 35.99 2.65 -1.14
C THR C 31 35.52 1.43 -0.33
N VAL C 32 35.89 0.22 -0.73
CA VAL C 32 35.42 -1.04 -0.09
C VAL C 32 36.15 -1.15 1.24
N ASP C 33 37.43 -0.74 1.27
CA ASP C 33 38.21 -0.69 2.54
C ASP C 33 37.42 0.15 3.55
N LYS C 34 36.89 1.30 3.13
CA LYS C 34 36.14 2.23 4.03
C LYS C 34 34.84 1.54 4.48
N LEU C 35 34.14 0.83 3.58
CA LEU C 35 32.90 0.10 3.95
C LEU C 35 33.23 -0.88 5.08
N LEU C 36 34.34 -1.58 4.97
CA LEU C 36 34.74 -2.60 5.98
C LEU C 36 35.06 -1.90 7.30
N ALA C 37 35.65 -0.71 7.28
CA ALA C 37 35.90 0.12 8.49
C ALA C 37 34.56 0.54 9.11
N ALA C 38 33.63 1.04 8.31
CA ALA C 38 32.33 1.62 8.75
C ALA C 38 31.41 0.52 9.33
N VAL C 39 31.51 -0.72 8.82
CA VAL C 39 30.59 -1.85 9.14
C VAL C 39 31.44 -3.08 9.42
N PRO C 40 32.28 -3.03 10.50
CA PRO C 40 33.23 -4.09 10.80
C PRO C 40 32.62 -5.50 10.97
N ALA C 41 31.33 -5.62 11.29
CA ALA C 41 30.65 -6.93 11.50
C ALA C 41 30.66 -7.79 10.22
N ILE C 42 30.82 -7.20 9.03
CA ILE C 42 30.75 -7.96 7.75
C ILE C 42 32.03 -8.80 7.55
N ASN C 43 33.17 -8.39 8.12
CA ASN C 43 34.46 -9.15 8.04
C ASN C 43 34.32 -10.52 8.73
N ASP C 44 33.42 -10.66 9.70
CA ASP C 44 33.13 -11.93 10.41
C ASP C 44 32.32 -12.90 9.53
N LEU C 45 31.69 -12.46 8.44
CA LEU C 45 30.68 -13.25 7.65
C LEU C 45 31.29 -13.82 6.35
N ALA C 46 32.22 -13.10 5.71
CA ALA C 46 32.77 -13.43 4.38
C ALA C 46 34.16 -12.81 4.26
N THR C 47 35.03 -13.42 3.48
CA THR C 47 36.30 -12.82 2.99
C THR C 47 35.94 -11.87 1.85
N ILE C 48 36.16 -10.56 2.03
CA ILE C 48 35.68 -9.50 1.09
C ILE C 48 36.85 -9.02 0.21
N LYS C 49 36.66 -9.02 -1.11
CA LYS C 49 37.52 -8.31 -2.10
C LYS C 49 36.70 -7.16 -2.72
N GLY C 50 37.36 -6.04 -3.00
CA GLY C 50 36.72 -4.82 -3.52
C GLY C 50 37.26 -4.47 -4.88
N GLU C 51 36.40 -3.98 -5.76
CA GLU C 51 36.80 -3.31 -7.03
C GLU C 51 36.01 -2.01 -7.16
N GLN C 52 36.59 -1.03 -7.86
CA GLN C 52 35.88 0.21 -8.24
C GLN C 52 35.60 0.13 -9.74
N ILE C 53 34.36 -0.19 -10.11
CA ILE C 53 33.93 -0.38 -11.52
C ILE C 53 33.75 0.99 -12.18
N SER C 54 33.10 1.90 -11.46
CA SER C 54 32.83 3.31 -11.84
C SER C 54 32.84 4.12 -10.55
N SER C 55 32.82 5.45 -10.64
CA SER C 55 32.77 6.35 -9.46
C SER C 55 31.82 7.49 -9.75
N ILE C 56 30.52 7.20 -9.83
CA ILE C 56 29.46 8.14 -10.30
C ILE C 56 28.20 7.96 -9.45
N GLY C 57 27.37 9.01 -9.35
CA GLY C 57 25.95 8.91 -8.98
C GLY C 57 25.20 8.13 -10.04
N SER C 58 24.18 7.36 -9.63
CA SER C 58 23.49 6.38 -10.50
C SER C 58 22.75 7.14 -11.59
N GLN C 59 22.49 8.44 -11.37
CA GLN C 59 21.82 9.28 -12.38
C GLN C 59 22.76 9.55 -13.56
N GLU C 60 24.06 9.27 -13.43
CA GLU C 60 25.02 9.46 -14.55
C GLU C 60 25.26 8.14 -15.28
N MET C 61 24.50 7.09 -14.99
CA MET C 61 24.81 5.74 -15.52
C MET C 61 24.67 5.78 -17.03
N THR C 62 25.41 4.90 -17.71
CA THR C 62 25.46 4.74 -19.17
C THR C 62 25.50 3.24 -19.50
N GLY C 63 25.04 2.89 -20.70
CA GLY C 63 25.20 1.54 -21.27
C GLY C 63 26.65 1.10 -21.23
N LYS C 64 27.58 2.02 -21.48
CA LYS C 64 29.04 1.73 -21.39
C LYS C 64 29.36 1.08 -20.04
N VAL C 65 28.91 1.64 -18.92
CA VAL C 65 29.23 1.16 -17.55
C VAL C 65 28.47 -0.14 -17.26
N TRP C 66 27.22 -0.25 -17.73
CA TRP C 66 26.38 -1.47 -17.56
C TRP C 66 27.13 -2.69 -18.14
N LEU C 67 27.62 -2.56 -19.37
CA LEU C 67 28.29 -3.63 -20.14
C LEU C 67 29.62 -3.99 -19.46
N LYS C 68 30.35 -2.99 -18.95
CA LYS C 68 31.63 -3.20 -18.23
C LYS C 68 31.32 -3.98 -16.94
N LEU C 69 30.24 -3.58 -16.25
CA LEU C 69 29.81 -4.17 -14.95
C LEU C 69 29.41 -5.62 -15.17
N ALA C 70 28.56 -5.85 -16.19
CA ALA C 70 27.95 -7.17 -16.48
C ALA C 70 29.06 -8.16 -16.86
N LYS C 71 30.02 -7.74 -17.68
CA LYS C 71 31.12 -8.62 -18.14
C LYS C 71 32.03 -8.98 -16.95
N ARG C 72 32.29 -8.02 -16.06
CA ARG C 72 33.13 -8.26 -14.86
C ARG C 72 32.41 -9.23 -13.91
N VAL C 73 31.10 -9.04 -13.70
CA VAL C 73 30.30 -9.94 -12.79
C VAL C 73 30.39 -11.36 -13.35
N ASN C 74 30.27 -11.52 -14.67
CA ASN C 74 30.32 -12.84 -15.37
C ASN C 74 31.72 -13.46 -15.17
N GLU C 75 32.78 -12.68 -15.34
CA GLU C 75 34.18 -13.12 -15.04
C GLU C 75 34.24 -13.62 -13.61
N LEU C 76 33.89 -12.78 -12.64
CA LEU C 76 34.03 -13.11 -11.19
C LEU C 76 33.23 -14.38 -10.88
N LEU C 77 32.02 -14.55 -11.40
CA LEU C 77 31.13 -15.67 -10.99
C LEU C 77 31.53 -16.97 -11.69
N ALA C 78 32.34 -16.91 -12.76
CA ALA C 78 32.95 -18.09 -13.42
C ALA C 78 34.10 -18.64 -12.56
N GLN C 79 34.68 -17.85 -11.66
CA GLN C 79 35.76 -18.30 -10.73
C GLN C 79 35.15 -19.20 -9.66
N LYS C 80 35.79 -20.33 -9.31
CA LYS C 80 35.25 -21.34 -8.36
C LYS C 80 35.25 -20.79 -6.93
N GLU C 81 36.18 -19.90 -6.60
CA GLU C 81 36.40 -19.36 -5.23
C GLU C 81 35.32 -18.32 -4.89
N THR C 82 34.79 -17.62 -5.90
CA THR C 82 33.80 -16.52 -5.74
C THR C 82 32.39 -17.11 -5.55
N GLU C 83 31.78 -16.88 -4.40
CA GLU C 83 30.45 -17.46 -4.08
C GLU C 83 29.33 -16.47 -4.44
N ALA C 84 29.61 -15.16 -4.50
CA ALA C 84 28.61 -14.14 -4.86
C ALA C 84 29.25 -12.76 -5.09
N VAL C 85 28.49 -11.87 -5.69
CA VAL C 85 28.88 -10.45 -5.88
C VAL C 85 27.84 -9.56 -5.23
N ILE C 86 28.33 -8.57 -4.49
CA ILE C 86 27.52 -7.41 -4.04
C ILE C 86 27.92 -6.17 -4.83
N ILE C 87 26.94 -5.36 -5.26
CA ILE C 87 27.20 -4.08 -6.00
C ILE C 87 26.61 -2.91 -5.20
N THR C 88 27.44 -1.97 -4.78
CA THR C 88 26.98 -0.71 -4.14
C THR C 88 26.68 0.29 -5.26
N HIS C 89 25.53 0.94 -5.22
CA HIS C 89 24.95 1.64 -6.39
C HIS C 89 24.00 2.71 -5.88
N GLY C 90 24.02 3.90 -6.49
CA GLY C 90 23.01 4.94 -6.21
C GLY C 90 21.61 4.38 -6.39
N THR C 91 20.64 4.88 -5.64
CA THR C 91 19.27 4.32 -5.62
C THR C 91 18.48 4.76 -6.86
N ASP C 92 18.79 5.91 -7.46
CA ASP C 92 17.99 6.48 -8.57
C ASP C 92 17.78 5.49 -9.73
N THR C 93 18.80 4.71 -10.13
CA THR C 93 18.72 3.80 -11.32
C THR C 93 19.15 2.37 -10.99
N MET C 94 19.24 2.03 -9.70
CA MET C 94 19.57 0.65 -9.24
C MET C 94 18.63 -0.37 -9.92
N GLU C 95 17.36 -0.02 -10.08
CA GLU C 95 16.34 -0.93 -10.71
C GLU C 95 16.70 -1.24 -12.17
N GLU C 96 17.36 -0.34 -12.90
CA GLU C 96 17.68 -0.57 -14.33
C GLU C 96 18.91 -1.46 -14.42
N THR C 97 19.96 -1.16 -13.64
CA THR C 97 21.21 -1.95 -13.60
C THR C 97 20.84 -3.37 -13.17
N ALA C 98 20.05 -3.47 -12.11
CA ALA C 98 19.64 -4.75 -11.51
C ALA C 98 18.97 -5.58 -12.60
N PHE C 99 17.98 -4.99 -13.27
CA PHE C 99 17.19 -5.66 -14.33
C PHE C 99 18.10 -6.05 -15.50
N PHE C 100 18.97 -5.16 -15.95
CA PHE C 100 19.98 -5.47 -16.99
C PHE C 100 20.78 -6.74 -16.61
N LEU C 101 21.32 -6.76 -15.39
CA LEU C 101 22.15 -7.87 -14.87
C LEU C 101 21.30 -9.15 -14.76
N ASN C 102 20.03 -9.03 -14.38
CA ASN C 102 19.08 -10.19 -14.29
C ASN C 102 18.97 -10.92 -15.64
N LEU C 103 19.25 -10.27 -16.77
CA LEU C 103 19.05 -10.87 -18.11
C LEU C 103 20.39 -11.17 -18.79
N THR C 104 21.51 -10.71 -18.22
CA THR C 104 22.88 -10.78 -18.84
C THR C 104 23.84 -11.62 -17.99
N VAL C 105 23.59 -11.79 -16.69
CA VAL C 105 24.47 -12.57 -15.76
C VAL C 105 24.21 -14.07 -15.97
N LYS C 106 25.22 -14.80 -16.48
CA LYS C 106 25.11 -16.24 -16.86
C LYS C 106 25.47 -17.17 -15.69
N SER C 107 24.89 -16.95 -14.51
CA SER C 107 25.22 -17.69 -13.26
C SER C 107 23.95 -17.85 -12.41
N GLN C 108 23.96 -18.81 -11.48
CA GLN C 108 22.95 -18.99 -10.40
C GLN C 108 23.50 -18.52 -9.06
N LYS C 109 24.79 -18.15 -8.98
CA LYS C 109 25.38 -17.53 -7.78
C LYS C 109 24.72 -16.17 -7.56
N PRO C 110 24.51 -15.76 -6.29
CA PRO C 110 23.81 -14.51 -6.01
C PRO C 110 24.56 -13.26 -6.47
N VAL C 111 23.80 -12.32 -7.02
CA VAL C 111 24.22 -10.92 -7.27
C VAL C 111 23.20 -10.04 -6.54
N VAL C 112 23.70 -9.25 -5.60
CA VAL C 112 22.86 -8.41 -4.72
C VAL C 112 23.26 -6.96 -4.97
N LEU C 113 22.26 -6.09 -5.23
CA LEU C 113 22.45 -4.64 -5.41
C LEU C 113 21.91 -3.94 -4.17
N VAL C 114 22.69 -3.01 -3.64
CA VAL C 114 22.36 -2.36 -2.36
C VAL C 114 22.82 -0.92 -2.48
N GLY C 115 22.05 -0.03 -1.83
CA GLY C 115 22.36 1.39 -1.67
C GLY C 115 21.77 1.94 -0.38
N ALA C 116 21.69 3.27 -0.30
CA ALA C 116 21.25 4.04 0.89
C ALA C 116 20.50 5.29 0.42
N MET C 117 19.33 5.51 1.01
CA MET C 117 18.46 6.67 0.71
C MET C 117 18.93 7.90 1.50
N ARG C 118 19.77 7.72 2.52
CA ARG C 118 20.43 8.82 3.28
C ARG C 118 21.95 8.67 3.18
N PRO C 119 22.71 9.78 3.07
CA PRO C 119 24.18 9.69 3.00
C PRO C 119 24.76 9.13 4.30
N GLY C 120 25.93 8.49 4.21
CA GLY C 120 26.60 7.80 5.33
C GLY C 120 26.83 8.70 6.53
N SER C 121 26.91 10.01 6.33
CA SER C 121 27.22 11.01 7.38
C SER C 121 25.95 11.52 8.06
N SER C 122 24.75 11.25 7.51
CA SER C 122 23.45 11.71 8.08
C SER C 122 23.15 11.00 9.41
N MET C 123 22.39 11.65 10.29
CA MET C 123 21.66 11.02 11.43
C MET C 123 20.88 9.83 10.88
N SER C 124 20.95 8.68 11.55
CA SER C 124 20.14 7.47 11.22
C SER C 124 20.35 7.05 9.75
N ALA C 125 21.59 7.11 9.27
CA ALA C 125 21.98 6.62 7.93
C ALA C 125 21.52 5.17 7.75
N ASP C 126 20.94 4.84 6.60
CA ASP C 126 20.33 3.50 6.34
C ASP C 126 21.37 2.53 5.77
N GLY C 127 22.53 3.04 5.33
CA GLY C 127 23.52 2.30 4.51
C GLY C 127 24.22 1.18 5.28
N PRO C 128 24.65 1.38 6.55
CA PRO C 128 25.24 0.29 7.35
C PRO C 128 24.35 -0.95 7.51
N MET C 129 23.09 -0.81 7.96
CA MET C 129 22.14 -1.95 8.06
C MET C 129 21.96 -2.56 6.67
N ASN C 130 21.71 -1.73 5.64
CA ASN C 130 21.51 -2.23 4.25
C ASN C 130 22.72 -3.09 3.84
N LEU C 131 23.95 -2.61 4.01
CA LEU C 131 25.16 -3.36 3.54
C LEU C 131 25.26 -4.67 4.31
N TYR C 132 25.11 -4.61 5.62
CA TYR C 132 25.22 -5.80 6.49
C TYR C 132 24.20 -6.86 6.02
N ASN C 133 22.97 -6.43 5.76
CA ASN C 133 21.88 -7.31 5.31
C ASN C 133 22.22 -7.87 3.93
N ALA C 134 22.73 -7.02 3.03
CA ALA C 134 23.15 -7.40 1.66
C ALA C 134 24.13 -8.59 1.72
N VAL C 135 25.18 -8.51 2.54
CA VAL C 135 26.22 -9.56 2.67
C VAL C 135 25.60 -10.88 3.14
N ASN C 136 24.77 -10.83 4.18
CA ASN C 136 23.98 -11.99 4.67
C ASN C 136 23.14 -12.57 3.53
N VAL C 137 22.50 -11.72 2.71
CA VAL C 137 21.70 -12.25 1.57
C VAL C 137 22.65 -12.91 0.56
N ALA C 138 23.78 -12.28 0.23
CA ALA C 138 24.72 -12.79 -0.78
C ALA C 138 25.27 -14.17 -0.36
N ILE C 139 25.52 -14.42 0.92
CA ILE C 139 26.16 -15.70 1.36
C ILE C 139 25.10 -16.77 1.66
N ASN C 140 23.81 -16.44 1.66
CA ASN C 140 22.75 -17.38 2.11
C ASN C 140 22.48 -18.45 1.04
N LYS C 141 22.44 -19.72 1.43
CA LYS C 141 22.25 -20.88 0.50
C LYS C 141 20.98 -20.71 -0.35
N ALA C 142 19.88 -20.22 0.22
CA ALA C 142 18.57 -20.07 -0.47
C ALA C 142 18.65 -19.02 -1.60
N SER C 143 19.62 -18.11 -1.56
CA SER C 143 19.77 -16.98 -2.52
C SER C 143 20.17 -17.48 -3.92
N THR C 144 20.73 -18.69 -4.05
CA THR C 144 21.05 -19.37 -5.34
C THR C 144 19.79 -19.51 -6.22
N ASN C 145 19.95 -19.13 -7.49
CA ASN C 145 18.94 -19.23 -8.58
C ASN C 145 17.68 -18.45 -8.20
N LYS C 146 17.78 -17.44 -7.33
CA LYS C 146 16.66 -16.48 -7.09
C LYS C 146 16.78 -15.34 -8.10
N GLY C 147 17.85 -15.36 -8.90
CA GLY C 147 18.19 -14.27 -9.85
C GLY C 147 18.74 -13.07 -9.13
N VAL C 148 19.02 -11.99 -9.87
CA VAL C 148 19.60 -10.76 -9.28
C VAL C 148 18.52 -10.20 -8.35
N VAL C 149 18.92 -9.65 -7.21
CA VAL C 149 17.99 -9.07 -6.22
C VAL C 149 18.49 -7.71 -5.77
N ILE C 150 17.55 -6.83 -5.38
CA ILE C 150 17.81 -5.60 -4.58
C ILE C 150 17.51 -5.88 -3.10
N VAL C 151 18.46 -5.56 -2.24
CA VAL C 151 18.31 -5.70 -0.77
C VAL C 151 18.31 -4.27 -0.23
N MET C 152 17.18 -3.85 0.32
CA MET C 152 16.97 -2.50 0.89
C MET C 152 15.93 -2.59 2.01
N ASN C 153 16.24 -2.00 3.18
CA ASN C 153 15.25 -1.76 4.25
C ASN C 153 14.63 -3.11 4.66
N ASP C 154 15.47 -4.13 4.80
CA ASP C 154 15.15 -5.43 5.47
C ASP C 154 14.37 -6.33 4.50
N GLU C 155 14.34 -5.96 3.22
CA GLU C 155 13.49 -6.57 2.17
C GLU C 155 14.38 -7.10 1.04
N ILE C 156 13.99 -8.23 0.45
CA ILE C 156 14.66 -8.82 -0.74
C ILE C 156 13.66 -8.71 -1.89
N HIS C 157 13.96 -7.91 -2.91
CA HIS C 157 13.09 -7.66 -4.09
C HIS C 157 13.71 -8.29 -5.34
N ALA C 158 12.95 -9.08 -6.11
CA ALA C 158 13.36 -9.60 -7.45
C ALA C 158 13.64 -8.40 -8.37
N ALA C 159 14.73 -8.47 -9.14
CA ALA C 159 15.15 -7.39 -10.06
C ALA C 159 13.99 -7.09 -11.04
N ARG C 160 13.30 -8.12 -11.51
CA ARG C 160 12.23 -7.95 -12.52
C ARG C 160 11.12 -7.03 -12.00
N GLU C 161 10.84 -7.08 -10.71
CA GLU C 161 9.61 -6.52 -10.08
C GLU C 161 9.92 -5.24 -9.31
N ALA C 162 11.19 -5.02 -8.96
CA ALA C 162 11.62 -3.99 -7.99
C ALA C 162 11.58 -2.62 -8.65
N THR C 163 11.25 -1.57 -7.88
CA THR C 163 11.31 -0.16 -8.36
C THR C 163 11.44 0.80 -7.19
N LYS C 164 12.11 1.91 -7.41
CA LYS C 164 12.07 3.08 -6.50
C LYS C 164 10.75 3.81 -6.74
N LEU C 165 9.88 3.81 -5.72
CA LEU C 165 8.49 4.35 -5.77
C LEU C 165 8.46 5.74 -5.12
N ASN C 166 9.45 6.10 -4.35
CA ASN C 166 9.40 7.30 -3.50
C ASN C 166 10.73 8.07 -3.67
N THR C 167 10.64 9.39 -3.62
CA THR C 167 11.76 10.33 -3.90
C THR C 167 12.77 10.28 -2.75
N THR C 168 12.33 10.10 -1.51
CA THR C 168 13.16 10.37 -0.30
C THR C 168 13.12 9.24 0.75
N ALA C 169 12.06 8.45 0.83
CA ALA C 169 11.83 7.54 1.98
C ALA C 169 12.87 6.41 2.01
N VAL C 170 13.33 6.04 3.22
CA VAL C 170 14.19 4.85 3.44
C VAL C 170 13.48 3.60 2.89
N ASN C 171 12.14 3.61 2.83
CA ASN C 171 11.30 2.47 2.34
C ASN C 171 10.85 2.75 0.90
N ALA C 172 11.66 3.41 0.09
CA ALA C 172 11.29 3.83 -1.27
C ALA C 172 11.20 2.64 -2.22
N PHE C 173 11.94 1.55 -1.98
CA PHE C 173 11.91 0.37 -2.88
C PHE C 173 10.69 -0.48 -2.56
N ALA C 174 10.07 -0.96 -3.62
CA ALA C 174 8.77 -1.67 -3.63
C ALA C 174 8.79 -2.60 -4.85
N SER C 175 8.00 -3.67 -4.77
CA SER C 175 7.64 -4.51 -5.93
C SER C 175 6.13 -4.40 -6.13
N PRO C 176 5.65 -3.33 -6.78
CA PRO C 176 4.22 -3.02 -6.78
C PRO C 176 3.35 -4.09 -7.45
N ASN C 177 3.86 -4.91 -8.38
CA ASN C 177 3.07 -5.98 -9.06
C ASN C 177 3.14 -7.33 -8.33
N THR C 178 4.03 -7.54 -7.35
CA THR C 178 4.23 -8.89 -6.76
C THR C 178 4.66 -8.88 -5.31
N GLY C 179 5.27 -7.80 -4.82
CA GLY C 179 5.83 -7.66 -3.45
C GLY C 179 7.17 -8.35 -3.30
N LYS C 180 7.89 -8.07 -2.23
CA LYS C 180 9.22 -8.68 -1.96
C LYS C 180 9.13 -10.20 -2.00
N ILE C 181 10.20 -10.85 -2.46
CA ILE C 181 10.30 -12.34 -2.41
C ILE C 181 10.80 -12.78 -1.03
N GLY C 182 11.41 -11.88 -0.26
CA GLY C 182 12.01 -12.28 1.03
C GLY C 182 12.25 -11.12 1.97
N THR C 183 12.73 -11.49 3.16
CA THR C 183 13.10 -10.57 4.27
C THR C 183 14.52 -10.90 4.71
N VAL C 184 15.21 -9.89 5.23
CA VAL C 184 16.52 -10.00 5.92
C VAL C 184 16.42 -9.03 7.08
N TYR C 185 16.40 -9.55 8.30
CA TYR C 185 16.21 -8.76 9.53
C TYR C 185 17.41 -9.04 10.45
N TYR C 186 18.28 -8.05 10.64
CA TYR C 186 19.56 -8.21 11.36
C TYR C 186 20.22 -9.49 10.84
N GLY C 187 20.29 -9.62 9.51
CA GLY C 187 21.04 -10.67 8.80
C GLY C 187 20.26 -11.96 8.64
N LYS C 188 19.12 -12.13 9.30
CA LYS C 188 18.28 -13.36 9.22
C LYS C 188 17.48 -13.35 7.90
N VAL C 189 17.85 -14.24 6.98
CA VAL C 189 17.38 -14.29 5.56
C VAL C 189 16.27 -15.32 5.47
N GLU C 190 15.10 -14.92 4.99
CA GLU C 190 13.94 -15.82 4.75
C GLU C 190 13.31 -15.46 3.41
N TYR C 191 13.17 -16.45 2.53
CA TYR C 191 12.43 -16.29 1.25
C TYR C 191 11.00 -16.82 1.46
N PHE C 192 10.02 -16.14 0.88
CA PHE C 192 8.61 -16.60 0.89
C PHE C 192 8.14 -16.94 -0.53
N THR C 193 8.76 -16.36 -1.55
CA THR C 193 8.42 -16.64 -2.97
C THR C 193 9.68 -16.56 -3.83
N GLN C 194 9.52 -16.89 -5.11
CA GLN C 194 10.56 -16.74 -6.14
C GLN C 194 9.82 -16.42 -7.43
N SER C 195 10.49 -15.65 -8.31
CA SER C 195 10.09 -15.34 -9.70
C SER C 195 9.92 -16.65 -10.51
N VAL C 196 8.84 -16.74 -11.29
CA VAL C 196 8.62 -17.87 -12.22
C VAL C 196 8.85 -17.35 -13.64
N ARG C 197 9.38 -16.12 -13.78
CA ARG C 197 9.84 -15.59 -15.10
C ARG C 197 11.34 -15.88 -15.21
N PRO C 198 11.82 -16.43 -16.35
CA PRO C 198 13.23 -16.79 -16.46
C PRO C 198 14.17 -15.59 -16.34
N HIS C 199 15.29 -15.85 -15.67
CA HIS C 199 16.38 -14.88 -15.37
C HIS C 199 17.74 -15.57 -15.51
N THR C 200 18.81 -14.76 -15.48
CA THR C 200 20.24 -15.17 -15.28
C THR C 200 20.61 -16.30 -16.25
N LEU C 201 20.91 -17.50 -15.74
CA LEU C 201 21.44 -18.64 -16.54
C LEU C 201 20.43 -19.07 -17.61
N ALA C 202 19.13 -18.98 -17.33
CA ALA C 202 18.04 -19.37 -18.28
C ALA C 202 17.79 -18.25 -19.31
N SER C 203 18.49 -17.13 -19.26
CA SER C 203 18.22 -15.98 -20.18
C SER C 203 18.84 -16.25 -21.55
N GLU C 204 18.15 -15.86 -22.62
CA GLU C 204 18.65 -16.01 -24.01
C GLU C 204 19.67 -14.91 -24.35
N PHE C 205 19.75 -13.83 -23.56
CA PHE C 205 20.58 -12.66 -23.91
C PHE C 205 22.03 -12.92 -23.51
N ASP C 206 22.97 -12.45 -24.33
CA ASP C 206 24.44 -12.57 -24.10
C ASP C 206 25.11 -11.29 -24.61
N ILE C 207 25.72 -10.49 -23.72
CA ILE C 207 26.30 -9.16 -24.08
C ILE C 207 27.82 -9.25 -24.12
N SER C 208 28.39 -10.45 -24.12
CA SER C 208 29.87 -10.68 -24.04
C SER C 208 30.60 -9.95 -25.18
N LYS C 209 30.01 -9.86 -26.37
CA LYS C 209 30.60 -9.22 -27.59
C LYS C 209 29.75 -8.01 -28.02
N ILE C 210 28.96 -7.46 -27.10
CA ILE C 210 28.27 -6.15 -27.23
C ILE C 210 29.21 -5.11 -26.60
N GLU C 211 29.49 -4.03 -27.32
CA GLU C 211 30.32 -2.90 -26.85
C GLU C 211 29.49 -1.61 -26.77
N GLU C 212 28.24 -1.62 -27.24
CA GLU C 212 27.32 -0.45 -27.25
C GLU C 212 25.86 -0.91 -27.40
N LEU C 213 24.98 -0.57 -26.45
CA LEU C 213 23.56 -1.04 -26.46
C LEU C 213 22.71 -0.21 -27.42
N PRO C 214 21.73 -0.82 -28.12
CA PRO C 214 20.87 -0.05 -29.02
C PRO C 214 20.21 1.15 -28.32
N ARG C 215 20.09 2.28 -28.99
CA ARG C 215 19.44 3.50 -28.43
C ARG C 215 17.93 3.24 -28.30
N VAL C 216 17.39 3.48 -27.11
CA VAL C 216 15.93 3.45 -26.84
C VAL C 216 15.58 4.71 -26.05
N ASP C 217 14.64 5.49 -26.57
CA ASP C 217 14.10 6.68 -25.86
C ASP C 217 12.80 6.26 -25.12
N ILE C 218 12.39 7.06 -24.14
CA ILE C 218 11.12 6.93 -23.39
C ILE C 218 10.41 8.26 -23.50
N LEU C 219 9.13 8.21 -23.91
CA LEU C 219 8.24 9.39 -24.06
C LEU C 219 7.17 9.34 -22.99
N TYR C 220 6.81 10.51 -22.46
CA TYR C 220 5.85 10.67 -21.33
C TYR C 220 4.52 11.19 -21.91
N ALA C 221 3.47 10.35 -21.94
CA ALA C 221 2.18 10.69 -22.57
C ALA C 221 1.40 11.66 -21.67
N HIS C 222 0.58 12.53 -22.27
CA HIS C 222 -0.38 13.41 -21.55
C HIS C 222 -1.44 13.93 -22.51
N PRO C 223 -2.52 14.58 -22.01
CA PRO C 223 -3.43 15.35 -22.86
C PRO C 223 -2.72 16.46 -23.64
N ASP C 224 -3.21 16.74 -24.84
CA ASP C 224 -2.62 17.72 -25.79
C ASP C 224 -1.18 17.31 -26.10
N ASP C 225 -0.93 16.01 -26.35
CA ASP C 225 0.43 15.51 -26.64
C ASP C 225 0.88 15.92 -28.05
N THR C 226 2.13 15.60 -28.37
CA THR C 226 2.88 16.11 -29.54
C THR C 226 3.44 14.91 -30.31
N ASP C 227 4.00 15.18 -31.49
CA ASP C 227 4.70 14.19 -32.35
C ASP C 227 6.20 14.56 -32.44
N VAL C 228 6.59 15.78 -32.05
CA VAL C 228 7.97 16.32 -32.26
C VAL C 228 9.01 15.52 -31.45
N LEU C 229 8.62 14.95 -30.31
CA LEU C 229 9.52 14.13 -29.46
C LEU C 229 9.69 12.75 -30.12
N VAL C 230 8.60 12.12 -30.57
CA VAL C 230 8.67 10.91 -31.46
C VAL C 230 9.67 11.20 -32.61
N ASN C 231 9.55 12.38 -33.25
CA ASN C 231 10.28 12.72 -34.49
C ASN C 231 11.76 12.97 -34.17
N ALA C 232 12.07 13.63 -33.04
CA ALA C 232 13.46 13.85 -32.59
C ALA C 232 14.15 12.52 -32.26
N ALA C 233 13.46 11.60 -31.59
CA ALA C 233 14.01 10.26 -31.23
C ALA C 233 14.46 9.53 -32.49
N LEU C 234 13.61 9.58 -33.53
CA LEU C 234 13.86 8.98 -34.87
C LEU C 234 15.09 9.62 -35.50
N GLN C 235 15.12 10.95 -35.57
CA GLN C 235 16.25 11.71 -36.17
C GLN C 235 17.55 11.42 -35.38
N ALA C 236 17.50 11.10 -34.09
CA ALA C 236 18.70 10.85 -33.25
C ALA C 236 19.11 9.37 -33.27
N GLY C 237 18.46 8.53 -34.09
CA GLY C 237 18.89 7.12 -34.31
C GLY C 237 18.23 6.12 -33.37
N ALA C 238 17.13 6.46 -32.69
CA ALA C 238 16.39 5.49 -31.85
C ALA C 238 16.18 4.20 -32.64
N LYS C 239 16.67 3.08 -32.11
CA LYS C 239 16.33 1.70 -32.59
C LYS C 239 15.04 1.22 -31.91
N GLY C 240 14.66 1.86 -30.81
CA GLY C 240 13.39 1.61 -30.10
C GLY C 240 12.85 2.86 -29.45
N ILE C 241 11.55 2.85 -29.18
CA ILE C 241 10.85 3.86 -28.34
C ILE C 241 9.91 3.12 -27.39
N ILE C 242 10.07 3.34 -26.07
CA ILE C 242 9.07 3.05 -25.01
C ILE C 242 8.15 4.26 -24.90
N HIS C 243 6.84 4.02 -25.08
CA HIS C 243 5.76 5.01 -24.85
C HIS C 243 5.16 4.73 -23.46
N ALA C 244 5.36 5.68 -22.54
CA ALA C 244 4.83 5.62 -21.16
C ALA C 244 3.42 6.22 -21.23
N GLY C 245 2.47 5.39 -21.61
CA GLY C 245 1.12 5.82 -22.03
C GLY C 245 0.22 6.19 -20.86
N MET C 246 -0.91 6.80 -21.17
CA MET C 246 -1.93 7.20 -20.17
C MET C 246 -2.75 5.96 -19.80
N GLY C 247 -3.07 5.77 -18.52
CA GLY C 247 -3.77 4.53 -18.06
C GLY C 247 -3.16 3.27 -18.68
N ASN C 248 -3.96 2.42 -19.32
CA ASN C 248 -3.50 1.12 -19.90
C ASN C 248 -2.71 1.38 -21.20
N GLY C 249 -1.61 2.13 -21.12
CA GLY C 249 -0.68 2.40 -22.24
C GLY C 249 -1.32 3.10 -23.44
N ASN C 250 -2.29 4.00 -23.21
CA ASN C 250 -3.03 4.70 -24.30
C ASN C 250 -2.26 5.94 -24.71
N PRO C 251 -2.04 6.13 -26.04
CA PRO C 251 -1.44 7.35 -26.56
C PRO C 251 -2.49 8.39 -27.00
N PHE C 252 -2.10 9.66 -27.00
CA PHE C 252 -2.84 10.77 -27.65
C PHE C 252 -2.81 10.55 -29.17
N PRO C 253 -3.87 10.89 -29.96
CA PRO C 253 -3.87 10.58 -31.40
C PRO C 253 -2.67 11.11 -32.22
N LEU C 254 -2.32 12.40 -32.12
CA LEU C 254 -1.15 12.95 -32.85
C LEU C 254 0.08 12.06 -32.62
N THR C 255 0.30 11.64 -31.38
CA THR C 255 1.47 10.83 -30.99
C THR C 255 1.36 9.42 -31.61
N GLN C 256 0.19 8.77 -31.51
CA GLN C 256 -0.09 7.42 -32.06
C GLN C 256 0.35 7.41 -33.53
N ASN C 257 -0.03 8.45 -34.29
CA ASN C 257 0.18 8.56 -35.77
C ASN C 257 1.68 8.56 -36.04
N ALA C 258 2.43 9.32 -35.24
CA ALA C 258 3.90 9.48 -35.31
C ALA C 258 4.57 8.14 -34.99
N LEU C 259 4.00 7.40 -34.03
CA LEU C 259 4.55 6.13 -33.50
C LEU C 259 4.31 5.03 -34.54
N GLU C 260 3.17 5.06 -35.24
CA GLU C 260 2.80 4.13 -36.35
C GLU C 260 3.80 4.25 -37.50
N LYS C 261 4.13 5.48 -37.88
CA LYS C 261 5.19 5.83 -38.84
C LYS C 261 6.54 5.30 -38.35
N ALA C 262 6.87 5.55 -37.07
CA ALA C 262 8.10 5.07 -36.41
C ALA C 262 8.25 3.57 -36.64
N ALA C 263 7.19 2.83 -36.29
CA ALA C 263 7.15 1.36 -36.35
C ALA C 263 7.36 0.91 -37.80
N LYS C 264 6.76 1.60 -38.76
CA LYS C 264 6.76 1.20 -40.20
C LYS C 264 8.18 1.40 -40.77
N SER C 265 8.89 2.45 -40.33
CA SER C 265 10.32 2.70 -40.66
C SER C 265 11.27 1.68 -39.99
N GLY C 266 10.79 0.78 -39.13
CA GLY C 266 11.61 -0.28 -38.50
C GLY C 266 12.20 0.10 -37.13
N VAL C 267 11.77 1.21 -36.53
CA VAL C 267 12.03 1.52 -35.08
C VAL C 267 10.96 0.81 -34.25
N VAL C 268 11.35 -0.10 -33.35
CA VAL C 268 10.38 -0.89 -32.54
C VAL C 268 9.75 0.03 -31.48
N VAL C 269 8.42 0.06 -31.44
CA VAL C 269 7.61 0.86 -30.49
C VAL C 269 6.95 -0.12 -29.52
N ALA C 270 7.22 0.04 -28.25
CA ALA C 270 6.65 -0.79 -27.17
C ALA C 270 5.86 0.12 -26.24
N ARG C 271 4.61 -0.26 -25.99
CA ARG C 271 3.66 0.48 -25.13
C ARG C 271 3.87 0.09 -23.66
N SER C 272 4.24 1.04 -22.81
CA SER C 272 4.20 0.90 -21.32
C SER C 272 3.15 1.89 -20.79
N SER C 273 3.19 2.18 -19.50
CA SER C 273 2.25 3.13 -18.83
C SER C 273 3.00 4.04 -17.87
N ARG C 274 2.48 5.26 -17.68
CA ARG C 274 3.02 6.28 -16.73
C ARG C 274 2.48 6.04 -15.31
N VAL C 275 1.48 5.18 -15.13
CA VAL C 275 0.67 5.14 -13.87
C VAL C 275 1.50 4.64 -12.68
N GLY C 276 2.36 3.63 -12.84
CA GLY C 276 3.22 3.13 -11.75
C GLY C 276 3.05 1.63 -11.48
N SER C 277 1.93 1.02 -11.84
CA SER C 277 1.71 -0.42 -11.56
C SER C 277 0.74 -1.03 -12.56
N GLY C 278 0.70 -2.36 -12.62
CA GLY C 278 -0.21 -3.15 -13.46
C GLY C 278 0.36 -3.41 -14.84
N SER C 279 -0.35 -4.22 -15.63
CA SER C 279 0.08 -4.66 -16.98
C SER C 279 -0.46 -3.68 -18.03
N THR C 280 0.42 -3.23 -18.94
CA THR C 280 0.03 -2.67 -20.26
C THR C 280 -0.28 -3.82 -21.22
N THR C 281 -1.56 -4.19 -21.35
CA THR C 281 -2.04 -5.47 -21.92
C THR C 281 -2.21 -5.36 -23.42
N GLN C 282 -2.13 -6.51 -24.09
CA GLN C 282 -2.49 -6.70 -25.51
C GLN C 282 -4.01 -6.66 -25.64
N GLU C 283 -4.55 -6.29 -26.80
CA GLU C 283 -5.98 -6.45 -27.16
C GLU C 283 -6.86 -5.68 -26.15
N ALA C 284 -6.39 -4.53 -25.68
CA ALA C 284 -7.22 -3.51 -25.00
C ALA C 284 -7.66 -2.54 -26.10
N GLU C 285 -7.44 -1.22 -25.96
CA GLU C 285 -7.98 -0.22 -26.92
C GLU C 285 -7.03 -0.01 -28.10
N VAL C 286 -5.82 -0.56 -28.07
CA VAL C 286 -4.81 -0.31 -29.13
C VAL C 286 -4.58 -1.62 -29.91
N ASP C 287 -4.79 -1.51 -31.23
CA ASP C 287 -4.63 -2.59 -32.24
C ASP C 287 -3.13 -2.74 -32.53
N ASP C 288 -2.37 -3.34 -31.60
CA ASP C 288 -0.89 -3.42 -31.64
C ASP C 288 -0.46 -4.12 -32.93
N LYS C 289 -1.14 -5.22 -33.30
CA LYS C 289 -0.84 -6.01 -34.53
C LYS C 289 -0.98 -5.11 -35.76
N LYS C 290 -2.05 -4.32 -35.85
CA LYS C 290 -2.30 -3.45 -37.03
C LYS C 290 -1.34 -2.26 -37.02
N LEU C 291 -1.07 -1.66 -35.87
CA LEU C 291 -0.20 -0.44 -35.80
C LEU C 291 1.28 -0.84 -35.84
N GLY C 292 1.60 -2.10 -35.54
CA GLY C 292 2.96 -2.67 -35.54
C GLY C 292 3.67 -2.49 -34.21
N PHE C 293 2.93 -2.39 -33.10
CA PHE C 293 3.47 -2.13 -31.72
C PHE C 293 3.60 -3.42 -30.90
N VAL C 294 4.39 -3.32 -29.84
CA VAL C 294 4.62 -4.35 -28.79
C VAL C 294 3.97 -3.85 -27.49
N ALA C 295 3.22 -4.70 -26.77
CA ALA C 295 2.68 -4.45 -25.42
C ALA C 295 3.70 -4.99 -24.40
N THR C 296 4.20 -4.14 -23.50
CA THR C 296 5.29 -4.52 -22.55
C THR C 296 4.73 -5.32 -21.37
N GLU C 297 3.42 -5.28 -21.17
CA GLU C 297 2.74 -6.08 -20.12
C GLU C 297 3.27 -5.61 -18.75
N SER C 298 3.62 -6.50 -17.82
CA SER C 298 3.73 -6.15 -16.39
C SER C 298 5.18 -5.76 -16.08
N LEU C 299 5.60 -4.63 -16.64
CA LEU C 299 6.91 -3.96 -16.40
C LEU C 299 6.67 -2.48 -16.09
N ASN C 300 7.64 -1.61 -16.34
CA ASN C 300 7.47 -0.13 -16.23
C ASN C 300 8.32 0.48 -17.33
N PRO C 301 8.17 1.78 -17.66
CA PRO C 301 8.85 2.30 -18.83
C PRO C 301 10.36 2.05 -18.74
N GLN C 302 10.99 2.34 -17.61
CA GLN C 302 12.48 2.29 -17.52
C GLN C 302 12.97 0.83 -17.60
N LYS C 303 12.27 -0.17 -17.08
CA LYS C 303 12.72 -1.58 -17.18
C LYS C 303 12.34 -2.11 -18.58
N ALA C 304 11.18 -1.74 -19.12
CA ALA C 304 10.79 -1.99 -20.52
C ALA C 304 11.92 -1.55 -21.45
N ARG C 305 12.51 -0.39 -21.18
CA ARG C 305 13.58 0.17 -22.03
C ARG C 305 14.74 -0.84 -22.03
N VAL C 306 15.15 -1.31 -20.85
CA VAL C 306 16.29 -2.28 -20.68
C VAL C 306 15.99 -3.56 -21.48
N LEU C 307 14.80 -4.14 -21.28
CA LEU C 307 14.41 -5.38 -22.00
C LEU C 307 14.42 -5.09 -23.52
N LEU C 308 13.95 -3.93 -23.96
CA LEU C 308 13.88 -3.65 -25.43
C LEU C 308 15.30 -3.50 -25.98
N MET C 309 16.21 -2.86 -25.23
CA MET C 309 17.61 -2.65 -25.67
C MET C 309 18.26 -4.02 -25.91
N LEU C 310 18.06 -4.92 -24.96
CA LEU C 310 18.56 -6.32 -25.03
C LEU C 310 17.92 -7.07 -26.21
N ALA C 311 16.60 -6.97 -26.41
CA ALA C 311 15.90 -7.56 -27.58
C ALA C 311 16.61 -7.12 -28.87
N LEU C 312 16.91 -5.83 -28.99
CA LEU C 312 17.44 -5.19 -30.22
C LEU C 312 18.87 -5.63 -30.51
N THR C 313 19.56 -6.27 -29.57
CA THR C 313 20.94 -6.74 -29.86
C THR C 313 20.82 -7.90 -30.84
N LYS C 314 19.64 -8.54 -30.94
CA LYS C 314 19.49 -9.74 -31.81
C LYS C 314 18.19 -9.83 -32.61
N THR C 315 17.31 -8.80 -32.64
CA THR C 315 16.10 -8.79 -33.52
C THR C 315 15.39 -7.44 -33.41
N SER C 316 14.68 -7.02 -34.47
CA SER C 316 13.72 -5.89 -34.41
C SER C 316 12.35 -6.33 -34.95
N ASP C 317 12.14 -7.65 -35.10
CA ASP C 317 10.86 -8.28 -35.49
C ASP C 317 9.81 -8.12 -34.37
N ARG C 318 8.64 -7.55 -34.71
CA ARG C 318 7.56 -7.18 -33.76
C ARG C 318 7.16 -8.44 -32.98
N GLU C 319 6.98 -9.56 -33.68
CA GLU C 319 6.49 -10.84 -33.11
C GLU C 319 7.50 -11.42 -32.12
N ALA C 320 8.78 -11.53 -32.48
CA ALA C 320 9.87 -12.05 -31.62
C ALA C 320 9.97 -11.20 -30.32
N ILE C 321 9.85 -9.89 -30.44
CA ILE C 321 9.98 -8.93 -29.30
C ILE C 321 8.72 -9.03 -28.44
N GLN C 322 7.52 -9.20 -29.02
CA GLN C 322 6.29 -9.43 -28.21
C GLN C 322 6.51 -10.66 -27.33
N LYS C 323 7.04 -11.74 -27.91
CA LYS C 323 7.31 -13.04 -27.22
C LYS C 323 8.36 -12.82 -26.13
N ILE C 324 9.36 -11.97 -26.37
CA ILE C 324 10.36 -11.59 -25.33
C ILE C 324 9.64 -10.89 -24.16
N PHE C 325 8.77 -9.92 -24.43
CA PHE C 325 8.03 -9.18 -23.37
C PHE C 325 7.04 -10.10 -22.64
N SER C 326 6.46 -11.09 -23.33
CA SER C 326 5.50 -12.05 -22.73
C SER C 326 6.23 -13.20 -21.99
N THR C 327 7.56 -13.31 -22.11
CA THR C 327 8.36 -14.41 -21.47
C THR C 327 9.05 -13.89 -20.22
N TYR C 328 9.75 -12.76 -20.27
CA TYR C 328 10.77 -12.37 -19.27
C TYR C 328 10.14 -11.48 -18.19
N LYS D 1 -35.91 19.07 -3.81
CA LYS D 1 -34.78 18.13 -4.12
C LYS D 1 -33.62 18.95 -4.66
N PRO D 2 -32.36 18.53 -4.41
CA PRO D 2 -31.19 19.29 -4.86
C PRO D 2 -31.06 19.22 -6.39
N GLN D 3 -30.73 20.35 -7.02
CA GLN D 3 -30.54 20.46 -8.49
C GLN D 3 -29.06 20.30 -8.84
N VAL D 4 -28.75 19.26 -9.60
CA VAL D 4 -27.37 18.85 -9.96
C VAL D 4 -27.31 18.75 -11.49
N THR D 5 -26.24 19.23 -12.10
CA THR D 5 -25.95 19.00 -13.54
C THR D 5 -24.89 17.91 -13.63
N ILE D 6 -25.13 16.92 -14.48
CA ILE D 6 -24.09 15.94 -14.91
C ILE D 6 -23.60 16.39 -16.28
N LEU D 7 -22.30 16.74 -16.40
CA LEU D 7 -21.60 17.05 -17.66
C LEU D 7 -20.84 15.80 -18.11
N ALA D 8 -21.24 15.23 -19.25
CA ALA D 8 -20.56 14.08 -19.93
C ALA D 8 -19.45 14.60 -20.87
N THR D 9 -18.25 14.08 -20.70
CA THR D 9 -17.07 14.32 -21.59
C THR D 9 -16.94 13.22 -22.65
N GLY D 10 -17.74 12.15 -22.56
CA GLY D 10 -17.60 10.93 -23.39
C GLY D 10 -18.88 10.10 -23.37
N GLY D 11 -18.75 8.79 -23.61
CA GLY D 11 -19.89 7.85 -23.61
C GLY D 11 -20.45 7.64 -22.21
N THR D 12 -21.38 6.69 -22.06
CA THR D 12 -22.00 6.27 -20.78
C THR D 12 -20.95 5.53 -19.95
N ILE D 13 -20.86 5.80 -18.64
CA ILE D 13 -19.94 5.03 -17.74
C ILE D 13 -20.73 3.95 -17.01
N ALA D 14 -22.03 3.84 -17.29
CA ALA D 14 -22.96 2.85 -16.68
C ALA D 14 -24.06 2.50 -17.69
N GLY D 15 -24.49 1.24 -17.71
CA GLY D 15 -25.55 0.71 -18.59
C GLY D 15 -25.02 -0.03 -19.81
N SER D 16 -25.93 -0.58 -20.63
CA SER D 16 -25.68 -1.31 -21.90
C SER D 16 -24.91 -2.59 -21.60
N SER D 26 -36.60 14.20 -20.92
CA SER D 26 -35.15 14.38 -21.19
C SER D 26 -34.51 15.26 -20.11
N ALA D 27 -33.36 14.86 -19.59
CA ALA D 27 -32.52 15.68 -18.68
C ALA D 27 -31.71 16.68 -19.52
N GLY D 28 -31.70 16.52 -20.86
CA GLY D 28 -31.12 17.48 -21.82
C GLY D 28 -29.92 16.95 -22.58
N ALA D 29 -29.50 15.71 -22.34
CA ALA D 29 -28.37 15.04 -23.03
C ALA D 29 -28.61 13.54 -23.04
N VAL D 30 -28.61 12.91 -24.21
CA VAL D 30 -28.94 11.46 -24.39
C VAL D 30 -28.03 10.58 -23.50
N THR D 31 -26.76 10.96 -23.37
CA THR D 31 -25.77 10.23 -22.52
C THR D 31 -26.28 10.19 -21.09
N VAL D 32 -26.79 11.32 -20.58
CA VAL D 32 -27.27 11.40 -19.18
C VAL D 32 -28.65 10.72 -19.05
N ASP D 33 -29.53 10.81 -20.04
CA ASP D 33 -30.80 10.01 -20.04
C ASP D 33 -30.46 8.52 -19.86
N LYS D 34 -29.44 8.01 -20.54
CA LYS D 34 -29.03 6.59 -20.45
C LYS D 34 -28.45 6.29 -19.06
N LEU D 35 -27.65 7.19 -18.49
CA LEU D 35 -27.16 7.01 -17.09
C LEU D 35 -28.35 6.85 -16.13
N LEU D 36 -29.39 7.68 -16.28
CA LEU D 36 -30.59 7.70 -15.38
C LEU D 36 -31.42 6.42 -15.56
N ALA D 37 -31.58 5.94 -16.79
CA ALA D 37 -32.20 4.64 -17.10
C ALA D 37 -31.42 3.50 -16.43
N ALA D 38 -30.07 3.55 -16.45
CA ALA D 38 -29.17 2.50 -15.91
C ALA D 38 -29.22 2.43 -14.38
N VAL D 39 -29.25 3.59 -13.72
CA VAL D 39 -29.12 3.76 -12.25
C VAL D 39 -30.29 4.61 -11.80
N PRO D 40 -31.53 4.08 -11.91
CA PRO D 40 -32.71 4.87 -11.58
C PRO D 40 -32.71 5.42 -10.15
N ALA D 41 -32.01 4.79 -9.20
CA ALA D 41 -31.95 5.24 -7.79
C ALA D 41 -31.54 6.71 -7.71
N ILE D 42 -30.75 7.23 -8.67
CA ILE D 42 -30.18 8.62 -8.57
C ILE D 42 -31.30 9.66 -8.72
N ASN D 43 -32.39 9.32 -9.42
CA ASN D 43 -33.53 10.24 -9.69
C ASN D 43 -34.19 10.66 -8.37
N ASP D 44 -34.22 9.77 -7.39
CA ASP D 44 -34.79 9.98 -6.03
C ASP D 44 -33.92 10.91 -5.18
N LEU D 45 -32.63 11.08 -5.54
CA LEU D 45 -31.64 11.84 -4.73
C LEU D 45 -31.56 13.30 -5.16
N ALA D 46 -31.93 13.62 -6.40
CA ALA D 46 -31.71 14.94 -7.02
C ALA D 46 -32.47 15.05 -8.36
N THR D 47 -32.82 16.28 -8.72
CA THR D 47 -33.33 16.66 -10.05
C THR D 47 -32.11 16.85 -10.94
N ILE D 48 -31.86 15.91 -11.86
CA ILE D 48 -30.65 15.86 -12.73
C ILE D 48 -30.95 16.57 -14.04
N LYS D 49 -30.10 17.54 -14.42
CA LYS D 49 -29.99 18.10 -15.78
C LYS D 49 -28.69 17.56 -16.38
N GLY D 50 -28.58 17.49 -17.70
CA GLY D 50 -27.45 16.83 -18.38
C GLY D 50 -26.98 17.61 -19.58
N GLU D 51 -25.66 17.70 -19.78
CA GLU D 51 -25.05 18.34 -20.99
C GLU D 51 -23.85 17.51 -21.47
N GLN D 52 -23.65 17.46 -22.79
CA GLN D 52 -22.50 16.82 -23.46
C GLN D 52 -21.49 17.92 -23.74
N ILE D 53 -20.34 17.93 -23.03
CA ILE D 53 -19.25 18.96 -23.15
C ILE D 53 -18.27 18.54 -24.27
N SER D 54 -17.99 17.25 -24.40
CA SER D 54 -17.08 16.66 -25.42
C SER D 54 -17.51 15.22 -25.69
N SER D 55 -16.85 14.52 -26.61
CA SER D 55 -17.30 13.21 -27.13
C SER D 55 -16.10 12.27 -27.26
N ILE D 56 -15.24 12.25 -26.23
CA ILE D 56 -13.87 11.68 -26.34
C ILE D 56 -13.55 10.77 -25.14
N GLY D 57 -12.82 9.69 -25.42
CA GLY D 57 -11.94 9.04 -24.43
C GLY D 57 -10.93 10.07 -23.88
N SER D 58 -10.62 9.97 -22.58
CA SER D 58 -9.79 10.96 -21.86
C SER D 58 -8.35 10.98 -22.40
N GLN D 59 -7.89 9.95 -23.14
CA GLN D 59 -6.53 9.92 -23.74
C GLN D 59 -6.49 10.93 -24.90
N GLU D 60 -7.67 11.40 -25.33
CA GLU D 60 -7.77 12.40 -26.41
C GLU D 60 -8.03 13.80 -25.86
N MET D 61 -8.03 13.99 -24.55
CA MET D 61 -8.31 15.31 -23.92
C MET D 61 -7.31 16.35 -24.40
N THR D 62 -7.77 17.60 -24.53
CA THR D 62 -6.96 18.78 -24.94
C THR D 62 -7.23 19.96 -23.99
N GLY D 63 -6.35 20.97 -24.03
CA GLY D 63 -6.52 22.23 -23.29
C GLY D 63 -7.80 22.93 -23.69
N LYS D 64 -8.22 22.76 -24.96
CA LYS D 64 -9.46 23.36 -25.49
C LYS D 64 -10.66 22.85 -24.70
N VAL D 65 -10.76 21.54 -24.48
CA VAL D 65 -11.86 20.90 -23.72
C VAL D 65 -11.81 21.32 -22.23
N TRP D 66 -10.62 21.33 -21.60
CA TRP D 66 -10.47 21.79 -20.18
C TRP D 66 -11.11 23.19 -20.03
N LEU D 67 -10.80 24.12 -20.95
CA LEU D 67 -11.24 25.54 -20.87
C LEU D 67 -12.76 25.60 -21.05
N LYS D 68 -13.30 24.91 -22.05
CA LYS D 68 -14.77 24.82 -22.26
C LYS D 68 -15.43 24.31 -20.97
N LEU D 69 -14.88 23.26 -20.38
CA LEU D 69 -15.43 22.53 -19.20
C LEU D 69 -15.39 23.44 -17.96
N ALA D 70 -14.25 24.10 -17.70
CA ALA D 70 -14.05 25.00 -16.54
C ALA D 70 -15.03 26.19 -16.60
N LYS D 71 -15.11 26.87 -17.75
CA LYS D 71 -15.98 28.06 -17.97
C LYS D 71 -17.44 27.64 -17.74
N ARG D 72 -17.81 26.44 -18.19
CA ARG D 72 -19.21 25.96 -18.08
C ARG D 72 -19.54 25.65 -16.62
N VAL D 73 -18.63 24.98 -15.91
CA VAL D 73 -18.79 24.69 -14.44
C VAL D 73 -18.95 26.03 -13.71
N ASN D 74 -18.10 27.01 -14.02
CA ASN D 74 -18.13 28.33 -13.34
C ASN D 74 -19.52 28.97 -13.53
N GLU D 75 -20.04 28.95 -14.76
CA GLU D 75 -21.38 29.49 -15.10
C GLU D 75 -22.47 28.75 -14.34
N LEU D 76 -22.39 27.43 -14.24
CA LEU D 76 -23.45 26.60 -13.63
C LEU D 76 -23.51 26.86 -12.13
N LEU D 77 -22.35 26.93 -11.46
CA LEU D 77 -22.30 27.09 -9.98
C LEU D 77 -22.59 28.55 -9.59
N ALA D 78 -22.46 29.50 -10.52
CA ALA D 78 -22.79 30.93 -10.26
C ALA D 78 -24.31 31.12 -10.28
N GLN D 79 -25.07 30.14 -10.82
CA GLN D 79 -26.57 30.10 -10.80
C GLN D 79 -27.03 29.75 -9.38
N LYS D 80 -27.92 30.54 -8.79
CA LYS D 80 -28.49 30.30 -7.44
C LYS D 80 -29.07 28.87 -7.32
N GLU D 81 -29.76 28.35 -8.34
CA GLU D 81 -30.56 27.08 -8.29
C GLU D 81 -29.67 25.82 -8.32
N THR D 82 -28.46 25.88 -8.92
CA THR D 82 -27.55 24.70 -9.13
C THR D 82 -26.71 24.44 -7.87
N GLU D 83 -26.80 23.26 -7.27
CA GLU D 83 -26.11 22.94 -5.99
C GLU D 83 -24.76 22.26 -6.22
N ALA D 84 -24.55 21.56 -7.35
CA ALA D 84 -23.28 20.85 -7.65
C ALA D 84 -23.23 20.43 -9.11
N VAL D 85 -22.02 20.07 -9.57
CA VAL D 85 -21.76 19.51 -10.91
C VAL D 85 -21.04 18.16 -10.75
N ILE D 86 -21.56 17.13 -11.39
CA ILE D 86 -20.88 15.81 -11.55
C ILE D 86 -20.40 15.76 -12.99
N ILE D 87 -19.11 15.47 -13.22
CA ILE D 87 -18.48 15.30 -14.55
C ILE D 87 -18.13 13.81 -14.75
N THR D 88 -18.64 13.20 -15.83
CA THR D 88 -18.36 11.78 -16.19
C THR D 88 -17.20 11.83 -17.18
N HIS D 89 -16.14 11.09 -16.88
CA HIS D 89 -14.83 11.34 -17.50
C HIS D 89 -14.12 10.00 -17.70
N GLY D 90 -13.31 9.87 -18.75
CA GLY D 90 -12.39 8.74 -18.91
C GLY D 90 -11.42 8.72 -17.74
N THR D 91 -10.94 7.55 -17.30
CA THR D 91 -10.08 7.40 -16.10
C THR D 91 -8.61 7.80 -16.40
N ASP D 92 -8.14 7.58 -17.62
CA ASP D 92 -6.72 7.79 -17.97
C ASP D 92 -6.24 9.20 -17.53
N THR D 93 -7.01 10.26 -17.76
CA THR D 93 -6.54 11.66 -17.56
C THR D 93 -7.52 12.45 -16.69
N MET D 94 -8.40 11.74 -15.96
CA MET D 94 -9.31 12.34 -14.96
C MET D 94 -8.50 13.15 -13.94
N GLU D 95 -7.34 12.67 -13.49
CA GLU D 95 -6.53 13.35 -12.42
C GLU D 95 -6.07 14.74 -12.90
N GLU D 96 -5.79 14.86 -14.19
CA GLU D 96 -5.33 16.14 -14.81
C GLU D 96 -6.53 17.08 -14.86
N THR D 97 -7.68 16.60 -15.38
CA THR D 97 -8.91 17.41 -15.51
C THR D 97 -9.32 17.88 -14.10
N ALA D 98 -9.23 16.99 -13.12
CA ALA D 98 -9.66 17.23 -11.73
C ALA D 98 -8.79 18.35 -11.14
N PHE D 99 -7.47 18.24 -11.32
CA PHE D 99 -6.47 19.21 -10.80
C PHE D 99 -6.67 20.55 -11.51
N PHE D 100 -6.96 20.56 -12.81
CA PHE D 100 -7.23 21.82 -13.58
C PHE D 100 -8.41 22.59 -12.96
N LEU D 101 -9.59 21.95 -12.85
CA LEU D 101 -10.84 22.55 -12.29
C LEU D 101 -10.59 22.94 -10.82
N ASN D 102 -9.84 22.14 -10.09
CA ASN D 102 -9.51 22.45 -8.67
C ASN D 102 -8.86 23.84 -8.54
N LEU D 103 -8.17 24.35 -9.55
CA LEU D 103 -7.48 25.68 -9.44
C LEU D 103 -8.15 26.78 -10.27
N THR D 104 -9.24 26.47 -11.00
CA THR D 104 -9.87 27.42 -11.97
C THR D 104 -11.34 27.64 -11.63
N VAL D 105 -11.97 26.76 -10.85
CA VAL D 105 -13.42 26.82 -10.54
C VAL D 105 -13.57 27.79 -9.36
N LYS D 106 -14.31 28.88 -9.55
CA LYS D 106 -14.38 29.99 -8.56
C LYS D 106 -15.63 29.85 -7.69
N SER D 107 -15.71 28.81 -6.86
CA SER D 107 -16.92 28.41 -6.08
C SER D 107 -16.57 27.36 -5.02
N GLN D 108 -17.37 27.27 -3.95
CA GLN D 108 -17.23 26.24 -2.88
C GLN D 108 -18.20 25.07 -3.11
N LYS D 109 -19.20 25.22 -4.00
CA LYS D 109 -20.18 24.13 -4.28
C LYS D 109 -19.44 22.91 -4.82
N PRO D 110 -19.87 21.68 -4.47
CA PRO D 110 -19.16 20.47 -4.92
C PRO D 110 -19.04 20.29 -6.44
N VAL D 111 -17.84 19.89 -6.88
CA VAL D 111 -17.52 19.41 -8.26
C VAL D 111 -16.89 18.01 -8.13
N VAL D 112 -17.55 16.99 -8.68
CA VAL D 112 -17.21 15.55 -8.45
C VAL D 112 -16.92 14.90 -9.78
N LEU D 113 -15.69 14.40 -9.98
CA LEU D 113 -15.37 13.65 -11.22
C LEU D 113 -15.54 12.15 -10.93
N VAL D 114 -16.11 11.43 -11.88
CA VAL D 114 -16.43 9.97 -11.74
C VAL D 114 -16.30 9.32 -13.12
N GLY D 115 -15.80 8.09 -13.13
CA GLY D 115 -15.67 7.23 -14.32
C GLY D 115 -15.77 5.76 -13.97
N ALA D 116 -15.36 4.89 -14.89
CA ALA D 116 -15.46 3.41 -14.78
C ALA D 116 -14.19 2.77 -15.30
N MET D 117 -13.56 1.92 -14.51
CA MET D 117 -12.39 1.13 -14.96
C MET D 117 -12.85 0.00 -15.87
N ARG D 118 -14.11 -0.42 -15.77
CA ARG D 118 -14.69 -1.46 -16.66
C ARG D 118 -15.86 -0.88 -17.44
N PRO D 119 -15.99 -1.25 -18.73
CA PRO D 119 -17.15 -0.84 -19.53
C PRO D 119 -18.50 -1.29 -18.92
N GLY D 120 -19.55 -0.50 -19.14
CA GLY D 120 -20.92 -0.72 -18.63
C GLY D 120 -21.46 -2.09 -19.01
N SER D 121 -21.11 -2.55 -20.22
CA SER D 121 -21.52 -3.85 -20.81
C SER D 121 -20.88 -5.04 -20.08
N SER D 122 -19.76 -4.81 -19.40
CA SER D 122 -18.91 -5.88 -18.80
C SER D 122 -19.66 -6.57 -17.68
N MET D 123 -19.29 -7.81 -17.36
CA MET D 123 -19.56 -8.44 -16.03
C MET D 123 -19.03 -7.50 -14.95
N SER D 124 -19.78 -7.28 -13.87
CA SER D 124 -19.28 -6.57 -12.66
C SER D 124 -18.81 -5.15 -13.03
N ALA D 125 -19.50 -4.49 -13.96
CA ALA D 125 -19.31 -3.05 -14.27
C ALA D 125 -19.28 -2.21 -12.98
N ASP D 126 -18.24 -1.40 -12.77
CA ASP D 126 -18.04 -0.53 -11.55
C ASP D 126 -18.74 0.83 -11.70
N GLY D 127 -19.19 1.19 -12.91
CA GLY D 127 -19.79 2.49 -13.22
C GLY D 127 -21.05 2.78 -12.40
N PRO D 128 -22.05 1.86 -12.36
CA PRO D 128 -23.27 2.11 -11.58
C PRO D 128 -23.11 2.53 -10.11
N MET D 129 -22.29 1.79 -9.36
CA MET D 129 -21.93 2.15 -7.95
C MET D 129 -21.16 3.47 -7.97
N ASN D 130 -20.18 3.62 -8.87
CA ASN D 130 -19.37 4.86 -8.89
C ASN D 130 -20.30 6.06 -9.08
N LEU D 131 -21.25 5.97 -10.01
CA LEU D 131 -22.14 7.13 -10.31
C LEU D 131 -23.06 7.39 -9.12
N TYR D 132 -23.74 6.36 -8.64
CA TYR D 132 -24.65 6.46 -7.47
C TYR D 132 -23.95 7.11 -6.28
N ASN D 133 -22.71 6.72 -6.04
CA ASN D 133 -21.88 7.24 -4.94
C ASN D 133 -21.57 8.72 -5.22
N ALA D 134 -21.14 9.03 -6.46
CA ALA D 134 -20.77 10.39 -6.89
C ALA D 134 -21.96 11.34 -6.65
N VAL D 135 -23.17 10.89 -6.91
CA VAL D 135 -24.38 11.74 -6.69
C VAL D 135 -24.48 12.08 -5.21
N ASN D 136 -24.34 11.08 -4.33
CA ASN D 136 -24.44 11.25 -2.87
C ASN D 136 -23.37 12.24 -2.37
N VAL D 137 -22.14 12.15 -2.87
CA VAL D 137 -21.03 13.10 -2.52
C VAL D 137 -21.43 14.50 -2.98
N ALA D 138 -21.95 14.63 -4.21
CA ALA D 138 -22.32 15.92 -4.83
C ALA D 138 -23.32 16.69 -3.95
N ILE D 139 -24.31 16.01 -3.36
CA ILE D 139 -25.46 16.62 -2.64
C ILE D 139 -25.17 16.72 -1.14
N ASN D 140 -24.07 16.14 -0.65
CA ASN D 140 -23.79 16.08 0.80
C ASN D 140 -23.30 17.45 1.29
N LYS D 141 -23.79 17.91 2.43
CA LYS D 141 -23.44 19.25 2.97
C LYS D 141 -21.94 19.32 3.28
N ALA D 142 -21.31 18.20 3.66
CA ALA D 142 -19.89 18.21 4.09
C ALA D 142 -18.97 18.35 2.86
N SER D 143 -19.50 18.19 1.64
CA SER D 143 -18.68 18.23 0.39
C SER D 143 -18.34 19.69 0.06
N THR D 144 -19.05 20.66 0.67
CA THR D 144 -18.86 22.11 0.44
C THR D 144 -17.45 22.51 0.91
N ASN D 145 -16.72 23.19 0.01
CA ASN D 145 -15.37 23.76 0.25
C ASN D 145 -14.39 22.63 0.56
N LYS D 146 -14.56 21.46 -0.07
CA LYS D 146 -13.59 20.33 -0.01
C LYS D 146 -12.68 20.40 -1.26
N GLY D 147 -12.95 21.36 -2.14
CA GLY D 147 -12.40 21.40 -3.49
C GLY D 147 -13.00 20.32 -4.37
N VAL D 148 -12.51 20.26 -5.60
CA VAL D 148 -12.91 19.25 -6.60
C VAL D 148 -12.44 17.90 -6.10
N VAL D 149 -13.29 16.86 -6.23
CA VAL D 149 -12.99 15.48 -5.77
C VAL D 149 -13.20 14.47 -6.91
N ILE D 150 -12.42 13.41 -6.87
CA ILE D 150 -12.68 12.19 -7.69
C ILE D 150 -13.31 11.16 -6.75
N VAL D 151 -14.48 10.66 -7.11
CA VAL D 151 -15.20 9.56 -6.40
C VAL D 151 -15.04 8.31 -7.25
N MET D 152 -14.35 7.30 -6.72
CA MET D 152 -14.03 6.03 -7.41
C MET D 152 -13.89 4.94 -6.35
N ASN D 153 -14.50 3.80 -6.57
CA ASN D 153 -14.32 2.61 -5.69
C ASN D 153 -14.62 2.91 -4.21
N ASP D 154 -15.72 3.61 -3.91
CA ASP D 154 -16.21 3.88 -2.52
C ASP D 154 -15.33 4.90 -1.77
N GLU D 155 -14.46 5.62 -2.48
CA GLU D 155 -13.42 6.53 -1.93
C GLU D 155 -13.60 7.93 -2.52
N ILE D 156 -13.32 8.93 -1.72
CA ILE D 156 -13.34 10.37 -2.10
C ILE D 156 -11.89 10.86 -2.00
N HIS D 157 -11.31 11.24 -3.14
CA HIS D 157 -9.90 11.70 -3.25
C HIS D 157 -9.88 13.20 -3.56
N ALA D 158 -9.05 13.97 -2.86
CA ALA D 158 -8.76 15.40 -3.15
C ALA D 158 -8.10 15.49 -4.53
N ALA D 159 -8.55 16.42 -5.38
CA ALA D 159 -8.06 16.57 -6.78
C ALA D 159 -6.54 16.71 -6.72
N ARG D 160 -6.02 17.43 -5.72
CA ARG D 160 -4.58 17.78 -5.65
C ARG D 160 -3.77 16.47 -5.62
N GLU D 161 -4.30 15.46 -4.95
CA GLU D 161 -3.54 14.31 -4.40
C GLU D 161 -3.83 13.03 -5.20
N ALA D 162 -4.91 13.02 -5.99
CA ALA D 162 -5.42 11.82 -6.70
C ALA D 162 -4.52 11.52 -7.90
N THR D 163 -4.43 10.24 -8.25
CA THR D 163 -3.79 9.78 -9.50
C THR D 163 -4.36 8.40 -9.83
N LYS D 164 -4.38 8.05 -11.11
CA LYS D 164 -4.57 6.65 -11.54
C LYS D 164 -3.23 5.95 -11.34
N LEU D 165 -3.14 5.04 -10.37
CA LEU D 165 -1.86 4.35 -9.98
C LEU D 165 -1.66 3.00 -10.69
N ASN D 166 -2.68 2.48 -11.39
CA ASN D 166 -2.70 1.11 -11.96
C ASN D 166 -3.42 1.13 -13.32
N THR D 167 -3.08 0.17 -14.18
CA THR D 167 -3.53 0.14 -15.60
C THR D 167 -4.96 -0.39 -15.68
N THR D 168 -5.43 -1.27 -14.78
CA THR D 168 -6.65 -2.07 -15.06
C THR D 168 -7.57 -2.22 -13.85
N ALA D 169 -7.06 -2.14 -12.62
CA ALA D 169 -7.82 -2.51 -11.41
C ALA D 169 -8.96 -1.52 -11.18
N VAL D 170 -10.08 -1.98 -10.60
CA VAL D 170 -11.22 -1.09 -10.17
C VAL D 170 -10.75 -0.14 -9.05
N ASN D 171 -9.73 -0.52 -8.28
CA ASN D 171 -9.14 0.34 -7.22
C ASN D 171 -7.92 1.12 -7.75
N ALA D 172 -7.87 1.51 -9.03
CA ALA D 172 -6.65 2.06 -9.66
C ALA D 172 -6.35 3.48 -9.15
N PHE D 173 -7.30 4.17 -8.54
CA PHE D 173 -7.12 5.55 -8.01
C PHE D 173 -6.62 5.51 -6.57
N ALA D 174 -5.66 6.37 -6.29
CA ALA D 174 -4.92 6.45 -5.02
C ALA D 174 -4.56 7.91 -4.78
N SER D 175 -4.35 8.27 -3.52
CA SER D 175 -3.65 9.51 -3.12
C SER D 175 -2.36 9.08 -2.42
N PRO D 176 -1.27 8.82 -3.14
CA PRO D 176 -0.07 8.22 -2.55
C PRO D 176 0.59 9.06 -1.44
N ASN D 177 0.53 10.39 -1.51
CA ASN D 177 1.20 11.28 -0.53
C ASN D 177 0.30 11.62 0.66
N THR D 178 -1.01 11.33 0.61
CA THR D 178 -1.96 11.82 1.64
C THR D 178 -3.08 10.83 2.00
N GLY D 179 -3.49 9.91 1.13
CA GLY D 179 -4.71 9.11 1.34
C GLY D 179 -6.00 9.84 1.01
N LYS D 180 -7.06 9.06 0.75
CA LYS D 180 -8.42 9.62 0.45
C LYS D 180 -8.79 10.59 1.57
N ILE D 181 -9.60 11.60 1.26
CA ILE D 181 -10.15 12.53 2.29
C ILE D 181 -11.43 11.96 2.94
N GLY D 182 -12.07 10.97 2.33
CA GLY D 182 -13.28 10.33 2.90
C GLY D 182 -13.72 9.10 2.12
N THR D 183 -14.86 8.56 2.52
CA THR D 183 -15.42 7.30 1.98
C THR D 183 -16.87 7.54 1.60
N VAL D 184 -17.37 6.73 0.67
CA VAL D 184 -18.81 6.72 0.33
C VAL D 184 -19.18 5.27 0.00
N TYR D 185 -19.98 4.67 0.87
CA TYR D 185 -20.35 3.24 0.86
C TYR D 185 -21.87 3.15 0.71
N TYR D 186 -22.34 2.68 -0.44
CA TYR D 186 -23.78 2.58 -0.80
C TYR D 186 -24.49 3.91 -0.48
N GLY D 187 -23.91 5.05 -0.86
CA GLY D 187 -24.49 6.41 -0.67
C GLY D 187 -24.05 7.11 0.63
N LYS D 188 -23.64 6.37 1.66
CA LYS D 188 -23.36 6.97 3.00
C LYS D 188 -22.03 7.71 2.89
N VAL D 189 -22.02 9.04 3.07
CA VAL D 189 -20.82 9.90 2.81
C VAL D 189 -20.22 10.33 4.16
N GLU D 190 -18.93 10.03 4.38
CA GLU D 190 -18.17 10.50 5.58
C GLU D 190 -16.84 11.08 5.13
N TYR D 191 -16.50 12.28 5.61
CA TYR D 191 -15.14 12.83 5.46
C TYR D 191 -14.36 12.63 6.77
N PHE D 192 -13.09 12.26 6.66
CA PHE D 192 -12.15 12.09 7.79
C PHE D 192 -11.03 13.13 7.74
N THR D 193 -10.73 13.70 6.56
CA THR D 193 -9.68 14.74 6.40
C THR D 193 -10.10 15.79 5.36
N GLN D 194 -9.34 16.88 5.28
CA GLN D 194 -9.52 17.87 4.18
C GLN D 194 -8.15 18.46 3.82
N SER D 195 -7.99 18.89 2.57
CA SER D 195 -6.76 19.54 2.05
C SER D 195 -6.60 20.89 2.76
N VAL D 196 -5.38 21.20 3.21
CA VAL D 196 -4.99 22.53 3.77
C VAL D 196 -4.24 23.33 2.70
N ARG D 197 -4.22 22.86 1.45
CA ARG D 197 -3.60 23.60 0.32
C ARG D 197 -4.75 24.34 -0.39
N PRO D 198 -4.59 25.64 -0.67
CA PRO D 198 -5.64 26.43 -1.29
C PRO D 198 -6.14 25.82 -2.61
N HIS D 199 -7.46 25.88 -2.78
CA HIS D 199 -8.14 25.37 -3.99
C HIS D 199 -9.32 26.30 -4.35
N THR D 200 -9.97 26.00 -5.48
CA THR D 200 -11.25 26.62 -5.93
C THR D 200 -11.24 28.14 -5.62
N LEU D 201 -12.20 28.62 -4.82
CA LEU D 201 -12.45 30.06 -4.53
C LEU D 201 -11.15 30.73 -4.07
N ALA D 202 -10.27 30.01 -3.35
CA ALA D 202 -9.04 30.55 -2.75
C ALA D 202 -7.90 30.65 -3.78
N SER D 203 -8.09 30.15 -5.01
CA SER D 203 -7.03 30.05 -6.06
C SER D 203 -6.84 31.41 -6.72
N GLU D 204 -5.58 31.79 -7.02
CA GLU D 204 -5.29 33.07 -7.71
C GLU D 204 -5.59 32.97 -9.21
N PHE D 205 -5.73 31.76 -9.79
CA PHE D 205 -5.84 31.57 -11.26
C PHE D 205 -7.27 31.83 -11.75
N ASP D 206 -7.35 32.49 -12.91
CA ASP D 206 -8.61 32.88 -13.60
C ASP D 206 -8.42 32.62 -15.09
N ILE D 207 -9.16 31.66 -15.66
CA ILE D 207 -9.03 31.30 -17.10
C ILE D 207 -10.23 31.80 -17.89
N SER D 208 -11.10 32.65 -17.29
CA SER D 208 -12.31 33.19 -17.96
C SER D 208 -11.94 33.85 -19.30
N LYS D 209 -10.79 34.53 -19.37
CA LYS D 209 -10.32 35.29 -20.56
C LYS D 209 -9.22 34.53 -21.33
N ILE D 210 -9.03 33.23 -21.12
CA ILE D 210 -7.97 32.42 -21.80
C ILE D 210 -8.67 31.51 -22.81
N GLU D 211 -8.13 31.43 -24.04
CA GLU D 211 -8.69 30.55 -25.10
C GLU D 211 -7.68 29.47 -25.47
N GLU D 212 -6.40 29.69 -25.20
CA GLU D 212 -5.31 28.70 -25.47
C GLU D 212 -4.38 28.69 -24.26
N LEU D 213 -4.19 27.52 -23.64
CA LEU D 213 -3.25 27.39 -22.50
C LEU D 213 -1.82 27.27 -23.04
N PRO D 214 -0.82 27.82 -22.32
CA PRO D 214 0.58 27.71 -22.74
C PRO D 214 1.07 26.25 -22.89
N ARG D 215 1.96 26.03 -23.87
CA ARG D 215 2.51 24.69 -24.13
C ARG D 215 3.50 24.33 -23.02
N VAL D 216 3.30 23.14 -22.42
CA VAL D 216 4.24 22.47 -21.49
C VAL D 216 4.41 21.00 -21.92
N ASP D 217 5.66 20.62 -22.18
CA ASP D 217 6.14 19.25 -22.44
C ASP D 217 6.50 18.53 -21.11
N ILE D 218 6.45 17.20 -21.10
CA ILE D 218 7.03 16.34 -20.04
C ILE D 218 8.06 15.43 -20.71
N LEU D 219 9.25 15.34 -20.09
CA LEU D 219 10.37 14.46 -20.50
C LEU D 219 10.53 13.35 -19.44
N TYR D 220 10.74 12.10 -19.90
CA TYR D 220 11.01 10.91 -19.06
C TYR D 220 12.53 10.70 -18.96
N ALA D 221 13.10 10.80 -17.75
CA ALA D 221 14.56 10.65 -17.50
C ALA D 221 14.93 9.17 -17.40
N HIS D 222 16.14 8.83 -17.85
CA HIS D 222 16.75 7.49 -17.71
C HIS D 222 18.26 7.60 -17.79
N PRO D 223 19.02 6.53 -17.43
CA PRO D 223 20.47 6.50 -17.68
C PRO D 223 20.72 6.62 -19.19
N ASP D 224 21.84 7.23 -19.55
CA ASP D 224 22.25 7.42 -20.98
C ASP D 224 21.20 8.30 -21.68
N ASP D 225 20.77 9.38 -21.02
CA ASP D 225 19.70 10.30 -21.50
C ASP D 225 20.24 11.19 -22.63
N THR D 226 19.38 12.05 -23.17
CA THR D 226 19.64 12.82 -24.40
C THR D 226 19.28 14.29 -24.16
N ASP D 227 19.75 15.19 -25.03
CA ASP D 227 19.35 16.62 -25.11
C ASP D 227 18.36 16.83 -26.27
N VAL D 228 18.17 15.84 -27.14
CA VAL D 228 17.40 16.03 -28.41
C VAL D 228 15.88 16.13 -28.14
N LEU D 229 15.36 15.79 -26.95
CA LEU D 229 13.90 15.98 -26.65
C LEU D 229 13.68 17.37 -26.00
N VAL D 230 14.63 17.83 -25.20
CA VAL D 230 14.63 19.24 -24.69
C VAL D 230 14.64 20.18 -25.91
N ASN D 231 15.52 19.95 -26.87
CA ASN D 231 15.76 20.85 -28.03
C ASN D 231 14.53 20.84 -28.95
N ALA D 232 13.88 19.68 -29.10
CA ALA D 232 12.60 19.48 -29.84
C ALA D 232 11.43 20.20 -29.13
N ALA D 233 11.33 20.10 -27.80
CA ALA D 233 10.36 20.87 -26.98
C ALA D 233 10.54 22.37 -27.27
N LEU D 234 11.77 22.87 -27.21
CA LEU D 234 12.08 24.31 -27.42
C LEU D 234 11.63 24.74 -28.82
N GLN D 235 12.03 23.98 -29.84
CA GLN D 235 11.76 24.25 -31.28
C GLN D 235 10.25 24.28 -31.57
N ALA D 236 9.41 23.58 -30.80
CA ALA D 236 7.94 23.56 -30.95
C ALA D 236 7.30 24.65 -30.07
N GLY D 237 8.10 25.50 -29.42
CA GLY D 237 7.64 26.67 -28.66
C GLY D 237 7.09 26.32 -27.29
N ALA D 238 7.63 25.28 -26.65
CA ALA D 238 7.45 25.00 -25.20
C ALA D 238 7.58 26.31 -24.41
N LYS D 239 6.58 26.68 -23.62
CA LYS D 239 6.69 27.75 -22.58
C LYS D 239 7.25 27.15 -21.28
N GLY D 240 7.04 25.84 -21.07
CA GLY D 240 7.46 25.12 -19.86
C GLY D 240 7.87 23.70 -20.20
N ILE D 241 8.69 23.09 -19.34
CA ILE D 241 9.10 21.67 -19.46
C ILE D 241 9.01 21.07 -18.06
N ILE D 242 8.19 20.03 -17.87
CA ILE D 242 8.29 19.20 -16.65
C ILE D 242 9.37 18.13 -16.93
N HIS D 243 10.39 18.02 -16.07
CA HIS D 243 11.39 16.92 -16.12
C HIS D 243 11.01 15.85 -15.10
N ALA D 244 10.54 14.68 -15.58
CA ALA D 244 10.27 13.48 -14.74
C ALA D 244 11.60 12.82 -14.40
N GLY D 245 12.33 13.38 -13.43
CA GLY D 245 13.70 12.96 -13.11
C GLY D 245 13.76 11.57 -12.49
N MET D 246 15.00 11.10 -12.29
CA MET D 246 15.35 9.83 -11.61
C MET D 246 15.44 10.11 -10.12
N GLY D 247 14.88 9.23 -9.28
CA GLY D 247 14.78 9.43 -7.82
C GLY D 247 14.23 10.80 -7.50
N ASN D 248 14.95 11.59 -6.71
CA ASN D 248 14.54 12.93 -6.23
C ASN D 248 14.80 13.93 -7.37
N GLY D 249 14.13 13.72 -8.50
CA GLY D 249 14.12 14.66 -9.64
C GLY D 249 15.51 14.98 -10.18
N ASN D 250 16.42 14.01 -10.26
CA ASN D 250 17.81 14.21 -10.74
C ASN D 250 17.88 13.99 -12.26
N PRO D 251 18.53 14.88 -13.04
CA PRO D 251 18.71 14.70 -14.49
C PRO D 251 20.02 13.98 -14.87
N PHE D 252 20.10 13.39 -16.05
CA PHE D 252 21.39 12.92 -16.62
C PHE D 252 22.20 14.17 -16.98
N PRO D 253 23.55 14.15 -16.97
CA PRO D 253 24.34 15.35 -17.24
C PRO D 253 24.05 16.04 -18.58
N LEU D 254 24.12 15.33 -19.71
CA LEU D 254 23.78 15.90 -21.04
C LEU D 254 22.41 16.61 -20.96
N THR D 255 21.40 16.00 -20.31
CA THR D 255 20.02 16.55 -20.21
C THR D 255 20.00 17.83 -19.36
N GLN D 256 20.68 17.86 -18.21
CA GLN D 256 20.73 19.08 -17.35
C GLN D 256 21.27 20.24 -18.17
N ASN D 257 22.33 19.99 -18.96
CA ASN D 257 22.99 21.00 -19.82
C ASN D 257 21.95 21.61 -20.77
N ALA D 258 21.18 20.78 -21.49
CA ALA D 258 20.09 21.23 -22.40
C ALA D 258 19.04 22.03 -21.62
N LEU D 259 18.59 21.53 -20.46
CA LEU D 259 17.57 22.23 -19.62
C LEU D 259 18.12 23.58 -19.11
N GLU D 260 19.42 23.66 -18.82
CA GLU D 260 20.05 24.94 -18.38
C GLU D 260 19.88 25.97 -19.52
N LYS D 261 20.16 25.56 -20.76
CA LYS D 261 20.01 26.43 -21.97
C LYS D 261 18.54 26.81 -22.16
N ALA D 262 17.61 25.86 -22.00
CA ALA D 262 16.15 26.12 -21.98
C ALA D 262 15.84 27.24 -20.96
N ALA D 263 16.31 27.11 -19.72
CA ALA D 263 15.94 28.00 -18.58
C ALA D 263 16.47 29.43 -18.81
N LYS D 264 17.66 29.57 -19.38
CA LYS D 264 18.29 30.88 -19.70
C LYS D 264 17.54 31.57 -20.85
N SER D 265 16.93 30.81 -21.76
CA SER D 265 16.21 31.30 -22.95
C SER D 265 14.77 31.70 -22.58
N GLY D 266 14.40 31.62 -21.31
CA GLY D 266 13.09 32.06 -20.78
C GLY D 266 12.04 30.94 -20.74
N VAL D 267 12.41 29.70 -21.11
CA VAL D 267 11.53 28.50 -20.95
C VAL D 267 11.64 28.04 -19.48
N VAL D 268 10.52 27.87 -18.79
CA VAL D 268 10.50 27.46 -17.35
C VAL D 268 10.70 25.95 -17.27
N VAL D 269 11.74 25.51 -16.57
CA VAL D 269 12.02 24.06 -16.31
C VAL D 269 11.65 23.79 -14.86
N ALA D 270 10.72 22.86 -14.65
CA ALA D 270 10.25 22.37 -13.33
C ALA D 270 10.62 20.88 -13.18
N ARG D 271 11.30 20.57 -12.08
CA ARG D 271 11.77 19.21 -11.73
C ARG D 271 10.66 18.52 -10.94
N SER D 272 10.14 17.45 -11.51
CA SER D 272 9.31 16.42 -10.84
C SER D 272 10.08 15.12 -10.91
N SER D 273 9.42 13.98 -10.80
CA SER D 273 10.09 12.67 -10.67
C SER D 273 9.25 11.60 -11.35
N ARG D 274 9.93 10.53 -11.80
CA ARG D 274 9.28 9.39 -12.49
C ARG D 274 8.78 8.36 -11.46
N VAL D 275 9.17 8.48 -10.18
CA VAL D 275 9.12 7.33 -9.21
C VAL D 275 7.66 7.00 -8.84
N GLY D 276 6.78 7.98 -8.63
CA GLY D 276 5.37 7.69 -8.30
C GLY D 276 4.84 8.50 -7.11
N SER D 277 5.70 8.79 -6.13
CA SER D 277 5.29 9.35 -4.81
C SER D 277 6.46 10.14 -4.23
N GLY D 278 6.17 11.01 -3.27
CA GLY D 278 7.18 11.76 -2.51
C GLY D 278 7.44 13.10 -3.16
N SER D 279 8.08 14.00 -2.42
CA SER D 279 8.34 15.39 -2.87
C SER D 279 9.66 15.42 -3.66
N THR D 280 9.62 16.08 -4.82
CA THR D 280 10.83 16.51 -5.57
C THR D 280 11.28 17.81 -4.89
N THR D 281 12.24 17.71 -3.97
CA THR D 281 12.51 18.79 -2.97
C THR D 281 13.46 19.85 -3.51
N GLN D 282 13.36 21.06 -2.98
CA GLN D 282 14.41 22.10 -3.08
C GLN D 282 15.63 21.72 -2.23
N GLU D 283 16.81 22.23 -2.59
CA GLU D 283 18.07 22.06 -1.80
C GLU D 283 18.38 20.58 -1.56
N ALA D 284 18.22 19.75 -2.60
CA ALA D 284 18.77 18.37 -2.66
C ALA D 284 20.02 18.39 -3.54
N GLU D 285 20.18 17.43 -4.46
CA GLU D 285 21.40 17.30 -5.30
C GLU D 285 21.42 18.35 -6.41
N VAL D 286 20.28 18.97 -6.74
CA VAL D 286 20.21 19.94 -7.87
C VAL D 286 20.22 21.35 -7.32
N ASP D 287 21.13 22.19 -7.84
CA ASP D 287 21.23 23.63 -7.51
C ASP D 287 20.27 24.40 -8.42
N ASP D 288 18.99 24.45 -8.02
CA ASP D 288 17.88 25.04 -8.82
C ASP D 288 18.12 26.54 -9.01
N LYS D 289 18.63 27.24 -7.98
CA LYS D 289 18.84 28.71 -8.01
C LYS D 289 19.89 29.11 -9.06
N LYS D 290 21.00 28.36 -9.16
CA LYS D 290 22.10 28.66 -10.12
C LYS D 290 21.71 28.20 -11.53
N LEU D 291 20.98 27.09 -11.64
CA LEU D 291 20.67 26.46 -12.94
C LEU D 291 19.40 27.09 -13.55
N GLY D 292 18.59 27.79 -12.75
CA GLY D 292 17.36 28.48 -13.18
C GLY D 292 16.09 27.63 -13.06
N PHE D 293 16.12 26.51 -12.31
CA PHE D 293 15.01 25.52 -12.25
C PHE D 293 14.06 25.80 -11.10
N VAL D 294 12.84 25.27 -11.22
CA VAL D 294 11.82 25.17 -10.13
C VAL D 294 11.71 23.70 -9.68
N ALA D 295 11.51 23.48 -8.39
CA ALA D 295 11.21 22.15 -7.82
C ALA D 295 9.69 22.01 -7.67
N THR D 296 9.07 20.97 -8.21
CA THR D 296 7.58 20.81 -8.14
C THR D 296 7.15 20.38 -6.73
N GLU D 297 8.07 19.83 -5.91
CA GLU D 297 7.77 19.30 -4.54
C GLU D 297 6.73 18.17 -4.66
N SER D 298 5.62 18.21 -3.93
CA SER D 298 4.76 17.02 -3.71
C SER D 298 3.59 16.96 -4.70
N LEU D 299 3.88 16.75 -5.98
CA LEU D 299 2.85 16.52 -7.01
C LEU D 299 3.33 15.32 -7.79
N ASN D 300 3.03 15.26 -9.08
CA ASN D 300 3.58 14.24 -10.01
C ASN D 300 3.73 14.95 -11.35
N PRO D 301 4.38 14.34 -12.34
CA PRO D 301 4.71 15.11 -13.55
C PRO D 301 3.46 15.60 -14.31
N GLN D 302 2.39 14.80 -14.39
CA GLN D 302 1.17 15.18 -15.16
C GLN D 302 0.43 16.33 -14.44
N LYS D 303 0.38 16.33 -13.11
CA LYS D 303 -0.28 17.43 -12.34
C LYS D 303 0.63 18.66 -12.25
N ALA D 304 1.95 18.48 -12.15
CA ALA D 304 2.93 19.58 -12.23
C ALA D 304 2.82 20.26 -13.62
N ARG D 305 2.60 19.50 -14.68
CA ARG D 305 2.34 20.09 -16.03
C ARG D 305 1.18 21.09 -15.93
N VAL D 306 0.04 20.67 -15.33
CA VAL D 306 -1.22 21.46 -15.23
C VAL D 306 -0.95 22.75 -14.44
N LEU D 307 -0.21 22.65 -13.32
CA LEU D 307 0.08 23.83 -12.45
C LEU D 307 1.03 24.78 -13.19
N LEU D 308 1.97 24.27 -13.98
CA LEU D 308 2.94 25.15 -14.70
C LEU D 308 2.21 25.86 -15.84
N MET D 309 1.30 25.17 -16.52
CA MET D 309 0.45 25.77 -17.59
C MET D 309 -0.27 26.99 -17.00
N LEU D 310 -0.90 26.80 -15.85
CA LEU D 310 -1.64 27.88 -15.15
C LEU D 310 -0.67 28.96 -14.63
N ALA D 311 0.47 28.59 -14.05
CA ALA D 311 1.53 29.55 -13.63
C ALA D 311 1.93 30.42 -14.83
N LEU D 312 2.10 29.80 -16.01
CA LEU D 312 2.63 30.48 -17.22
C LEU D 312 1.57 31.43 -17.80
N THR D 313 0.29 31.30 -17.46
CA THR D 313 -0.76 32.25 -17.91
C THR D 313 -0.56 33.63 -17.25
N LYS D 314 0.29 33.77 -16.23
CA LYS D 314 0.45 35.12 -15.63
C LYS D 314 1.87 35.49 -15.24
N THR D 315 2.87 34.61 -15.41
CA THR D 315 4.30 34.91 -15.11
C THR D 315 5.17 33.79 -15.67
N SER D 316 6.38 34.12 -16.15
CA SER D 316 7.46 33.14 -16.44
C SER D 316 8.63 33.28 -15.42
N ASP D 317 8.42 34.01 -14.31
CA ASP D 317 9.48 34.28 -13.29
C ASP D 317 9.71 33.05 -12.37
N ARG D 318 10.94 32.57 -12.31
CA ARG D 318 11.37 31.36 -11.54
C ARG D 318 10.88 31.47 -10.09
N GLU D 319 11.14 32.62 -9.43
CA GLU D 319 10.80 32.81 -8.00
C GLU D 319 9.29 32.74 -7.80
N ALA D 320 8.51 33.51 -8.56
CA ALA D 320 7.03 33.48 -8.53
C ALA D 320 6.54 32.02 -8.71
N ILE D 321 7.11 31.30 -9.66
CA ILE D 321 6.62 29.94 -10.04
C ILE D 321 6.98 28.96 -8.92
N GLN D 322 8.15 29.13 -8.28
CA GLN D 322 8.53 28.31 -7.10
C GLN D 322 7.50 28.53 -5.99
N LYS D 323 7.15 29.79 -5.75
CA LYS D 323 6.13 30.17 -4.73
C LYS D 323 4.79 29.49 -5.09
N ILE D 324 4.39 29.50 -6.37
CA ILE D 324 3.15 28.80 -6.82
C ILE D 324 3.24 27.31 -6.41
N PHE D 325 4.38 26.63 -6.63
CA PHE D 325 4.52 25.17 -6.37
C PHE D 325 4.69 24.90 -4.86
N SER D 326 5.20 25.90 -4.11
CA SER D 326 5.32 25.82 -2.63
C SER D 326 4.00 26.22 -1.95
N THR D 327 2.93 26.50 -2.70
CA THR D 327 1.62 26.98 -2.17
C THR D 327 0.49 26.01 -2.48
N TYR D 328 0.26 25.69 -3.76
CA TYR D 328 -0.96 24.97 -4.23
C TYR D 328 -0.76 23.46 -4.11
#